data_8GKT
#
_entry.id   8GKT
#
_cell.length_a   158.196
_cell.length_b   158.196
_cell.length_c   207.279
_cell.angle_alpha   90.00
_cell.angle_beta   90.00
_cell.angle_gamma   120.00
#
_symmetry.space_group_name_H-M   'P 65 2 2'
#
loop_
_entity.id
_entity.type
_entity.pdbx_description
1 polymer 'Serine hydroxymethyltransferase, mitochondrial'
2 non-polymer N-GLYCINE-[3-HYDROXY-2-METHYL-5-PHOSPHONOOXYMETHYL-PYRIDIN-4-YL-METHANE]
3 non-polymer 'N-{5-[5-(2-amino-4-oxo-3,4-dihydro-5H-pyrrolo[3,2-d]pyrimidin-5-yl)pentyl]thiophene-2-carbonyl}-L-glutamic acid'
4 water water
#
_entity_poly.entity_id   1
_entity_poly.type   'polypeptide(L)'
_entity_poly.pdbx_seq_one_letter_code
;MGSSHHHHHHSSGLVPRSNAAQTQTGEANRGWTGQESLSDSDPEMWELLQREKDRQCRGLELIASENFCSRAALEALGSC
LNNKYSEGYPGKRYYGGAEVVDEIELLCQRRALEAFDLDPAQWGVNVQPYSGSPANLAVYTALLQPHDRIMGLDLPDGGH
LTHGYMSDVKRISATSIFFESMPYKLNPKTGLIDYNQLALTARLFRPRLIIAGTSAYARLIDYARMREVCDEVKAHLLAD
MAHISGLVAAKVIPSPFKHADIVTTTTHKTLRGARSGLIFYRKGVKAVDPKTGREIPYTFEDRINFAVFPSLQGGPHNHA
IAAVAVALKQACTPMFREYSLQVLKNARAMADALLERGYSLVSGGTDNHLVLVDLRPKGLDGARAERVLELVSITANKNT
CPGDRSAITPGGLRLGAPALTSRQFREDDFRRVVDFIDEGVNIGLEVKSKTAKLQDFKSFLLKDSETSQRLANLRQRVEQ
FARAFPMPGFDEH
;
_entity_poly.pdbx_strand_id   A,B
#
loop_
_chem_comp.id
_chem_comp.type
_chem_comp.name
_chem_comp.formula
PLG non-polymer N-GLYCINE-[3-HYDROXY-2-METHYL-5-PHOSPHONOOXYMETHYL-PYRIDIN-4-YL-METHANE] 'C10 H15 N2 O7 P'
Y7L non-polymer 'N-{5-[5-(2-amino-4-oxo-3,4-dihydro-5H-pyrrolo[3,2-d]pyrimidin-5-yl)pentyl]thiophene-2-carbonyl}-L-glutamic acid' 'C21 H25 N5 O6 S'
#
# COMPACT_ATOMS: atom_id res chain seq x y z
N TRP A 32 -30.14 -3.41 1.79
CA TRP A 32 -28.75 -2.99 1.95
C TRP A 32 -28.45 -1.74 1.14
N THR A 33 -27.88 -0.73 1.81
CA THR A 33 -27.61 0.55 1.19
C THR A 33 -26.13 0.89 1.11
N GLY A 34 -25.28 0.27 1.92
CA GLY A 34 -23.90 0.64 1.99
C GLY A 34 -23.63 1.91 2.76
N GLN A 35 -24.65 2.51 3.35
CA GLN A 35 -24.50 3.73 4.14
C GLN A 35 -24.72 3.49 5.63
N GLU A 36 -24.90 2.24 6.03
CA GLU A 36 -25.01 1.93 7.45
C GLU A 36 -23.68 2.18 8.16
N SER A 37 -23.76 2.40 9.46
CA SER A 37 -22.58 2.65 10.27
C SER A 37 -21.81 1.36 10.55
N LEU A 38 -20.51 1.52 10.78
CA LEU A 38 -19.72 0.35 11.19
C LEU A 38 -20.22 -0.21 12.50
N SER A 39 -20.60 0.66 13.44
CA SER A 39 -21.13 0.20 14.73
C SER A 39 -22.42 -0.60 14.54
N ASP A 40 -23.23 -0.24 13.54
CA ASP A 40 -24.48 -0.95 13.28
C ASP A 40 -24.26 -2.21 12.44
N SER A 41 -23.38 -2.13 11.45
CA SER A 41 -23.24 -3.23 10.49
C SER A 41 -22.31 -4.33 10.99
N ASP A 42 -21.27 -3.96 11.73
CA ASP A 42 -20.26 -4.92 12.18
C ASP A 42 -19.84 -4.57 13.61
N PRO A 43 -20.66 -4.94 14.60
CA PRO A 43 -20.29 -4.64 15.99
C PRO A 43 -19.05 -5.38 16.45
N GLU A 44 -18.78 -6.56 15.90
CA GLU A 44 -17.56 -7.29 16.25
C GLU A 44 -16.33 -6.48 15.87
N MET A 45 -16.29 -5.95 14.65
CA MET A 45 -15.17 -5.12 14.25
C MET A 45 -15.20 -3.76 14.94
N TRP A 46 -16.40 -3.18 15.10
CA TRP A 46 -16.49 -1.85 15.69
C TRP A 46 -15.95 -1.83 17.10
N GLU A 47 -16.20 -2.88 17.88
CA GLU A 47 -15.64 -2.94 19.22
C GLU A 47 -14.13 -3.14 19.18
N LEU A 48 -13.65 -3.94 18.22
CA LEU A 48 -12.21 -4.12 18.07
C LEU A 48 -11.52 -2.79 17.79
N LEU A 49 -12.12 -1.96 16.94
CA LEU A 49 -11.60 -0.61 16.72
C LEU A 49 -11.53 0.16 18.05
N GLN A 50 -12.62 0.10 18.82
CA GLN A 50 -12.66 0.81 20.09
C GLN A 50 -11.64 0.25 21.06
N ARG A 51 -11.41 -1.06 21.04
CA ARG A 51 -10.39 -1.63 21.92
C ARG A 51 -9.01 -1.10 21.58
N GLU A 52 -8.72 -0.94 20.28
CA GLU A 52 -7.42 -0.41 19.90
C GLU A 52 -7.32 1.08 20.24
N LYS A 53 -8.41 1.83 20.06
CA LYS A 53 -8.41 3.25 20.42
C LYS A 53 -8.18 3.44 21.91
N ASP A 54 -8.82 2.61 22.74
CA ASP A 54 -8.55 2.66 24.18
C ASP A 54 -7.10 2.30 24.47
N ARG A 55 -6.55 1.34 23.74
CA ARG A 55 -5.17 0.92 23.97
C ARG A 55 -4.19 2.05 23.67
N GLN A 56 -4.45 2.80 22.59
CA GLN A 56 -3.60 3.95 22.28
C GLN A 56 -3.83 5.09 23.25
N CYS A 57 -5.06 5.23 23.75
CA CYS A 57 -5.37 6.32 24.67
C CYS A 57 -4.76 6.08 26.05
N ARG A 58 -4.70 4.82 26.48
CA ARG A 58 -4.26 4.49 27.84
C ARG A 58 -2.77 4.21 27.94
N GLY A 59 -2.06 3.99 26.84
CA GLY A 59 -0.68 3.56 26.90
C GLY A 59 0.30 4.70 26.67
N LEU A 60 1.55 4.45 27.07
CA LEU A 60 2.65 5.35 26.76
C LEU A 60 3.32 4.76 25.52
N GLU A 61 3.03 5.34 24.37
CA GLU A 61 3.48 4.80 23.09
C GLU A 61 4.86 5.37 22.79
N LEU A 62 5.88 4.53 22.92
CA LEU A 62 7.26 4.94 22.73
C LEU A 62 7.90 4.31 21.49
N ILE A 63 7.11 3.70 20.62
CA ILE A 63 7.66 3.22 19.35
C ILE A 63 8.07 4.42 18.53
N ALA A 64 9.36 4.52 18.22
CA ALA A 64 9.89 5.71 17.55
C ALA A 64 9.29 5.92 16.18
N SER A 65 8.71 4.88 15.58
CA SER A 65 8.13 4.97 14.25
C SER A 65 6.64 5.23 14.27
N GLU A 66 6.04 5.38 15.44
CA GLU A 66 4.61 5.53 15.55
C GLU A 66 4.24 6.98 15.85
N ASN A 67 3.04 7.35 15.42
CA ASN A 67 2.49 8.66 15.68
C ASN A 67 0.97 8.54 15.70
N PHE A 68 0.30 9.62 16.05
CA PHE A 68 -1.15 9.66 16.12
C PHE A 68 -1.65 10.61 15.05
N CYS A 69 -2.28 10.05 14.02
CA CYS A 69 -2.71 10.81 12.85
C CYS A 69 -3.91 11.67 13.19
N SER A 70 -3.97 12.84 12.55
CA SER A 70 -5.05 13.78 12.82
C SER A 70 -6.37 13.29 12.23
N ARG A 71 -7.47 13.72 12.86
CA ARG A 71 -8.79 13.40 12.34
C ARG A 71 -8.97 13.94 10.93
N ALA A 72 -8.43 15.12 10.66
CA ALA A 72 -8.56 15.71 9.33
C ALA A 72 -7.99 14.80 8.26
N ALA A 73 -6.81 14.23 8.51
CA ALA A 73 -6.20 13.31 7.56
C ALA A 73 -6.99 12.00 7.51
N LEU A 74 -7.39 11.47 8.67
CA LEU A 74 -8.16 10.23 8.69
C LEU A 74 -9.48 10.38 7.94
N GLU A 75 -10.07 11.57 7.94
CA GLU A 75 -11.31 11.77 7.18
C GLU A 75 -11.04 11.62 5.69
N ALA A 76 -9.87 12.05 5.22
CA ALA A 76 -9.50 11.84 3.83
C ALA A 76 -9.11 10.39 3.58
N LEU A 77 -8.48 9.75 4.57
CA LEU A 77 -8.06 8.36 4.42
C LEU A 77 -9.26 7.44 4.22
N GLY A 78 -10.32 7.64 5.02
CA GLY A 78 -11.52 6.85 4.85
C GLY A 78 -12.58 7.61 4.08
N SER A 79 -12.34 7.79 2.78
CA SER A 79 -13.20 8.60 1.93
C SER A 79 -13.52 7.83 0.64
N CYS A 80 -14.33 8.46 -0.21
CA CYS A 80 -14.70 7.87 -1.48
C CYS A 80 -13.54 7.81 -2.46
N LEU A 81 -12.40 8.44 -2.14
CA LEU A 81 -11.22 8.34 -2.98
C LEU A 81 -10.72 6.91 -3.09
N ASN A 82 -11.13 6.04 -2.16
CA ASN A 82 -10.86 4.62 -2.29
C ASN A 82 -11.46 4.05 -3.56
N ASN A 83 -12.58 4.64 -4.03
CA ASN A 83 -13.33 4.08 -5.16
C ASN A 83 -12.69 4.36 -6.51
N LYS A 84 -11.73 5.30 -6.61
CA LYS A 84 -11.26 5.80 -7.89
C LYS A 84 -9.97 5.12 -8.32
N TYR A 85 -10.02 4.39 -9.43
CA TYR A 85 -8.81 3.92 -10.11
C TYR A 85 -8.24 5.06 -10.95
N SER A 86 -6.98 5.39 -10.72
CA SER A 86 -6.33 6.49 -11.44
C SER A 86 -4.90 6.10 -11.82
N GLU A 87 -4.75 4.91 -12.40
CA GLU A 87 -3.43 4.45 -12.84
C GLU A 87 -2.82 5.47 -13.80
N GLY A 88 -1.54 5.76 -13.61
CA GLY A 88 -0.89 6.79 -14.38
C GLY A 88 -0.48 7.97 -13.52
N TYR A 89 -0.45 9.16 -14.10
CA TYR A 89 -0.04 10.37 -13.41
C TYR A 89 -0.89 11.54 -13.89
N PRO A 90 -0.97 12.62 -13.10
CA PRO A 90 -1.79 13.77 -13.51
C PRO A 90 -1.40 14.29 -14.89
N GLY A 91 -2.39 14.43 -15.76
CA GLY A 91 -2.16 14.81 -17.13
C GLY A 91 -1.72 13.69 -18.05
N LYS A 92 -1.42 12.52 -17.50
CA LYS A 92 -0.96 11.38 -18.29
C LYS A 92 -1.54 10.10 -17.68
N ARG A 93 -2.87 10.05 -17.59
CA ARG A 93 -3.57 8.89 -17.05
C ARG A 93 -4.03 7.97 -18.17
N TYR A 94 -4.40 6.76 -17.78
CA TYR A 94 -4.76 5.72 -18.72
C TYR A 94 -6.27 5.54 -18.84
N TYR A 95 -7.04 6.09 -17.90
CA TYR A 95 -8.49 6.16 -18.00
C TYR A 95 -8.93 7.62 -17.96
N GLY A 96 -10.23 7.82 -17.83
CA GLY A 96 -10.81 9.11 -17.60
C GLY A 96 -11.39 9.23 -16.20
N GLY A 97 -12.12 10.31 -15.98
CA GLY A 97 -12.73 10.50 -14.69
C GLY A 97 -11.77 10.88 -13.58
N ALA A 98 -10.51 11.13 -13.90
CA ALA A 98 -9.50 11.49 -12.91
C ALA A 98 -9.37 13.00 -12.76
N GLU A 99 -10.39 13.76 -13.19
CA GLU A 99 -10.31 15.22 -13.14
C GLU A 99 -9.98 15.70 -11.73
N VAL A 100 -10.66 15.16 -10.73
CA VAL A 100 -10.49 15.65 -9.36
C VAL A 100 -9.24 15.05 -8.73
N VAL A 101 -9.03 13.73 -8.86
CA VAL A 101 -7.87 13.12 -8.23
C VAL A 101 -6.57 13.60 -8.86
N ASP A 102 -6.61 14.10 -10.11
CA ASP A 102 -5.46 14.79 -10.66
C ASP A 102 -5.11 16.01 -9.82
N GLU A 103 -6.13 16.80 -9.47
CA GLU A 103 -5.89 17.98 -8.65
C GLU A 103 -5.46 17.61 -7.24
N ILE A 104 -5.98 16.51 -6.72
CA ILE A 104 -5.55 16.04 -5.40
C ILE A 104 -4.09 15.61 -5.44
N GLU A 105 -3.72 14.82 -6.46
CA GLU A 105 -2.34 14.35 -6.55
C GLU A 105 -1.39 15.50 -6.83
N LEU A 106 -1.79 16.43 -7.70
CA LEU A 106 -0.95 17.60 -7.94
C LEU A 106 -0.82 18.46 -6.69
N LEU A 107 -1.92 18.62 -5.96
CA LEU A 107 -1.87 19.40 -4.72
C LEU A 107 -0.99 18.70 -3.70
N CYS A 108 -1.04 17.37 -3.65
CA CYS A 108 -0.15 16.65 -2.75
C CYS A 108 1.32 16.87 -3.12
N GLN A 109 1.62 16.85 -4.42
CA GLN A 109 3.00 17.10 -4.86
C GLN A 109 3.46 18.50 -4.46
N ARG A 110 2.63 19.52 -4.73
CA ARG A 110 2.99 20.88 -4.36
C ARG A 110 3.17 21.01 -2.85
N ARG A 111 2.28 20.40 -2.07
CA ARG A 111 2.43 20.47 -0.62
C ARG A 111 3.65 19.71 -0.15
N ALA A 112 4.03 18.64 -0.87
CA ALA A 112 5.23 17.91 -0.53
C ALA A 112 6.47 18.77 -0.73
N LEU A 113 6.57 19.44 -1.88
CA LEU A 113 7.71 20.31 -2.12
C LEU A 113 7.70 21.51 -1.18
N GLU A 114 6.52 22.06 -0.92
CA GLU A 114 6.41 23.20 -0.03
C GLU A 114 6.90 22.86 1.37
N ALA A 115 6.48 21.71 1.89
CA ALA A 115 6.81 21.32 3.25
C ALA A 115 8.31 21.14 3.46
N PHE A 116 9.05 20.87 2.40
CA PHE A 116 10.49 20.66 2.51
C PHE A 116 11.29 21.76 1.83
N ASP A 117 10.62 22.87 1.50
CA ASP A 117 11.29 24.08 1.00
C ASP A 117 12.09 23.77 -0.27
N LEU A 118 11.43 23.10 -1.21
CA LEU A 118 12.08 22.62 -2.42
C LEU A 118 11.61 23.45 -3.61
N ASP A 119 12.56 23.88 -4.44
CA ASP A 119 12.24 24.61 -5.65
C ASP A 119 11.65 23.66 -6.68
N PRO A 120 10.42 23.89 -7.16
CA PRO A 120 9.80 22.95 -8.10
C PRO A 120 10.57 22.82 -9.42
N ALA A 121 11.57 23.66 -9.67
CA ALA A 121 12.40 23.53 -10.86
C ALA A 121 13.62 22.66 -10.61
N GLN A 122 13.92 22.35 -9.35
CA GLN A 122 15.03 21.48 -8.99
C GLN A 122 14.59 20.15 -8.41
N TRP A 123 13.33 20.01 -8.00
CA TRP A 123 12.88 18.82 -7.30
C TRP A 123 11.52 18.40 -7.80
N GLY A 124 11.34 17.07 -7.92
CA GLY A 124 10.03 16.50 -8.15
C GLY A 124 9.76 15.46 -7.07
N VAL A 125 8.50 15.07 -6.97
CA VAL A 125 8.09 14.10 -5.95
C VAL A 125 7.04 13.18 -6.53
N ASN A 126 7.19 11.88 -6.27
CA ASN A 126 6.17 10.88 -6.54
C ASN A 126 5.45 10.58 -5.23
N VAL A 127 4.12 10.65 -5.26
CA VAL A 127 3.31 10.54 -4.06
C VAL A 127 2.51 9.25 -4.01
N GLN A 128 2.74 8.34 -4.96
CA GLN A 128 2.01 7.09 -5.03
C GLN A 128 2.60 5.88 -4.28
N PRO A 129 3.85 5.88 -3.82
CA PRO A 129 4.35 4.70 -3.10
C PRO A 129 3.43 4.32 -1.96
N TYR A 130 3.03 3.05 -1.92
CA TYR A 130 2.08 2.57 -0.93
C TYR A 130 2.60 2.72 0.49
N SER A 131 3.91 2.59 0.69
CA SER A 131 4.49 2.74 2.01
C SER A 131 5.98 3.05 1.85
N GLY A 132 6.73 2.93 2.93
CA GLY A 132 8.15 3.24 2.87
C GLY A 132 8.93 2.18 2.12
N SER A 133 8.70 0.91 2.45
CA SER A 133 9.35 -0.19 1.73
C SER A 133 9.05 -0.15 0.24
N PRO A 134 7.81 0.04 -0.23
CA PRO A 134 7.60 0.20 -1.68
C PRO A 134 8.35 1.39 -2.25
N ALA A 135 8.49 2.48 -1.50
CA ALA A 135 9.20 3.65 -2.01
C ALA A 135 10.65 3.30 -2.34
N ASN A 136 11.34 2.64 -1.42
CA ASN A 136 12.74 2.29 -1.64
C ASN A 136 12.91 1.31 -2.79
N LEU A 137 12.07 0.27 -2.84
CA LEU A 137 12.18 -0.70 -3.93
C LEU A 137 11.93 -0.03 -5.28
N ALA A 138 11.08 1.00 -5.32
CA ALA A 138 10.86 1.73 -6.56
C ALA A 138 12.14 2.45 -6.99
N VAL A 139 12.87 3.01 -6.03
CA VAL A 139 14.09 3.74 -6.37
C VAL A 139 15.14 2.80 -6.95
N TYR A 140 15.31 1.63 -6.33
CA TYR A 140 16.29 0.67 -6.84
C TYR A 140 15.89 0.18 -8.22
N THR A 141 14.61 -0.18 -8.39
CA THR A 141 14.12 -0.60 -9.69
C THR A 141 14.32 0.49 -10.73
N ALA A 142 14.13 1.75 -10.34
CA ALA A 142 14.22 2.85 -11.30
C ALA A 142 15.66 3.06 -11.76
N LEU A 143 16.60 3.06 -10.82
CA LEU A 143 17.96 3.47 -11.11
C LEU A 143 18.92 2.31 -11.34
N LEU A 144 18.62 1.12 -10.84
CA LEU A 144 19.56 0.01 -10.91
C LEU A 144 18.99 -1.14 -11.73
N GLN A 145 19.91 -1.94 -12.29
CA GLN A 145 19.60 -3.22 -12.89
C GLN A 145 19.56 -4.29 -11.80
N PRO A 146 18.82 -5.38 -12.03
CA PRO A 146 18.88 -6.49 -11.07
C PRO A 146 20.32 -6.90 -10.82
N HIS A 147 20.63 -7.13 -9.55
CA HIS A 147 21.93 -7.52 -9.03
C HIS A 147 22.94 -6.37 -9.00
N ASP A 148 22.55 -5.16 -9.38
CA ASP A 148 23.41 -4.02 -9.10
C ASP A 148 23.55 -3.85 -7.59
N ARG A 149 24.63 -3.17 -7.18
CA ARG A 149 25.02 -3.21 -5.79
C ARG A 149 24.53 -2.01 -4.99
N ILE A 150 24.19 -2.30 -3.74
CA ILE A 150 23.53 -1.37 -2.84
C ILE A 150 24.29 -1.39 -1.52
N MET A 151 24.42 -0.23 -0.87
CA MET A 151 25.05 -0.18 0.43
C MET A 151 24.17 0.61 1.39
N GLY A 152 23.93 0.02 2.56
CA GLY A 152 23.14 0.67 3.58
C GLY A 152 23.66 0.33 4.96
N LEU A 153 23.17 1.05 5.96
CA LEU A 153 23.53 0.73 7.33
C LEU A 153 22.93 -0.63 7.68
N ASP A 154 23.75 -1.50 8.26
CA ASP A 154 23.30 -2.84 8.62
C ASP A 154 22.09 -2.75 9.56
N LEU A 155 21.19 -3.73 9.43
CA LEU A 155 19.96 -3.68 10.21
C LEU A 155 20.21 -3.65 11.71
N PRO A 156 20.99 -4.56 12.30
CA PRO A 156 21.26 -4.44 13.74
C PRO A 156 22.02 -3.19 14.10
N ASP A 157 22.67 -2.54 13.13
CA ASP A 157 23.37 -1.29 13.38
C ASP A 157 22.46 -0.07 13.29
N GLY A 158 21.17 -0.26 12.99
CA GLY A 158 20.23 0.83 12.91
C GLY A 158 19.69 1.12 11.53
N GLY A 159 20.04 0.30 10.52
CA GLY A 159 19.50 0.48 9.20
C GLY A 159 18.21 -0.29 9.03
N HIS A 160 17.47 0.04 7.98
CA HIS A 160 16.20 -0.62 7.72
C HIS A 160 16.39 -1.82 6.79
N LEU A 161 15.42 -2.74 6.84
CA LEU A 161 15.40 -3.89 5.94
C LEU A 161 15.65 -3.47 4.50
N THR A 162 14.88 -2.48 4.02
CA THR A 162 14.92 -2.07 2.62
C THR A 162 16.22 -1.39 2.23
N HIS A 163 17.19 -1.32 3.13
CA HIS A 163 18.53 -0.88 2.79
C HIS A 163 19.44 -2.07 2.44
N GLY A 164 18.85 -3.24 2.21
CA GLY A 164 19.58 -4.39 1.70
C GLY A 164 19.92 -5.47 2.70
N TYR A 165 19.06 -5.69 3.70
CA TYR A 165 19.46 -6.53 4.83
C TYR A 165 19.58 -8.00 4.43
N MET A 166 20.77 -8.55 4.62
CA MET A 166 21.04 -9.98 4.56
C MET A 166 21.61 -10.42 5.90
N SER A 167 21.22 -11.61 6.35
CA SER A 167 21.88 -12.20 7.49
C SER A 167 23.07 -13.01 6.99
N ASP A 168 23.74 -13.74 7.88
CA ASP A 168 24.82 -14.61 7.44
C ASP A 168 24.31 -15.91 6.84
N VAL A 169 23.00 -16.13 6.84
CA VAL A 169 22.41 -17.39 6.40
C VAL A 169 21.34 -17.22 5.34
N LYS A 170 20.68 -16.06 5.25
CA LYS A 170 19.45 -15.91 4.48
C LYS A 170 19.39 -14.49 3.93
N ARG A 171 18.92 -14.37 2.69
CA ARG A 171 18.52 -13.06 2.18
C ARG A 171 17.18 -12.70 2.80
N ILE A 172 17.16 -11.64 3.60
CA ILE A 172 15.98 -11.26 4.34
C ILE A 172 15.10 -10.36 3.49
N SER A 173 15.58 -9.14 3.25
CA SER A 173 14.81 -8.18 2.47
C SER A 173 14.94 -8.46 0.99
N ALA A 174 13.86 -8.20 0.25
CA ALA A 174 13.91 -8.35 -1.19
C ALA A 174 14.92 -7.41 -1.84
N THR A 175 15.26 -6.31 -1.16
CA THR A 175 16.31 -5.43 -1.65
C THR A 175 17.68 -6.09 -1.64
N SER A 176 17.82 -7.23 -0.95
CA SER A 176 19.04 -8.03 -1.03
C SER A 176 18.88 -9.24 -1.94
N ILE A 177 17.66 -9.49 -2.42
CA ILE A 177 17.41 -10.57 -3.36
C ILE A 177 17.56 -10.11 -4.81
N PHE A 178 16.89 -9.00 -5.14
CA PHE A 178 16.94 -8.44 -6.49
C PHE A 178 18.16 -7.57 -6.72
N PHE A 179 18.85 -7.17 -5.65
CA PHE A 179 20.05 -6.36 -5.76
C PHE A 179 21.07 -6.89 -4.78
N GLU A 180 22.34 -6.59 -5.06
CA GLU A 180 23.45 -7.09 -4.25
C GLU A 180 23.80 -6.03 -3.22
N SER A 181 23.69 -6.38 -1.94
CA SER A 181 23.86 -5.40 -0.89
C SER A 181 25.07 -5.75 -0.04
N MET A 182 25.84 -4.73 0.34
CA MET A 182 26.83 -4.86 1.38
C MET A 182 26.55 -3.78 2.41
N PRO A 183 26.50 -4.12 3.69
CA PRO A 183 26.18 -3.12 4.70
C PRO A 183 27.42 -2.35 5.14
N TYR A 184 27.19 -1.14 5.64
CA TYR A 184 28.20 -0.45 6.43
C TYR A 184 27.75 -0.45 7.89
N LYS A 185 28.73 -0.33 8.78
CA LYS A 185 28.53 -0.60 10.20
C LYS A 185 28.75 0.66 11.02
N LEU A 186 28.34 0.59 12.27
CA LEU A 186 28.66 1.64 13.21
C LEU A 186 30.06 1.48 13.74
N ASN A 187 30.64 2.57 14.18
CA ASN A 187 31.84 2.50 15.01
C ASN A 187 31.42 2.11 16.41
N PRO A 188 31.71 0.87 16.85
CA PRO A 188 31.14 0.40 18.13
C PRO A 188 31.72 1.10 19.34
N LYS A 189 32.69 1.98 19.16
CA LYS A 189 33.24 2.84 20.21
C LYS A 189 32.43 4.10 20.42
N THR A 190 32.05 4.75 19.32
CA THR A 190 31.24 5.95 19.34
C THR A 190 29.74 5.72 19.21
N GLY A 191 29.31 4.58 18.68
CA GLY A 191 27.91 4.44 18.33
C GLY A 191 27.50 5.18 17.08
N LEU A 192 28.43 5.88 16.43
CA LEU A 192 28.17 6.64 15.22
C LEU A 192 28.49 5.80 13.98
N ILE A 193 27.96 6.25 12.84
CA ILE A 193 28.26 5.61 11.56
C ILE A 193 29.74 5.76 11.27
N ASP A 194 30.40 4.65 10.95
CA ASP A 194 31.82 4.67 10.61
C ASP A 194 31.96 5.13 9.16
N TYR A 195 31.97 6.45 8.98
CA TYR A 195 32.10 7.00 7.64
C TYR A 195 33.45 6.65 7.02
N ASN A 196 34.47 6.43 7.85
CA ASN A 196 35.76 6.03 7.30
C ASN A 196 35.70 4.63 6.73
N GLN A 197 35.13 3.68 7.48
CA GLN A 197 35.03 2.32 6.97
C GLN A 197 34.06 2.25 5.79
N LEU A 198 33.07 3.14 5.75
CA LEU A 198 32.19 3.17 4.60
C LEU A 198 32.96 3.63 3.36
N ALA A 199 33.80 4.65 3.51
CA ALA A 199 34.59 5.11 2.38
C ALA A 199 35.56 4.04 1.90
N LEU A 200 36.15 3.31 2.82
CA LEU A 200 37.12 2.28 2.44
C LEU A 200 36.44 1.14 1.68
N THR A 201 35.36 0.61 2.24
CA THR A 201 34.70 -0.55 1.63
C THR A 201 33.93 -0.17 0.36
N ALA A 202 33.48 1.07 0.26
CA ALA A 202 32.76 1.48 -0.95
C ALA A 202 33.67 1.49 -2.17
N ARG A 203 34.96 1.76 -1.97
CA ARG A 203 35.89 1.74 -3.10
C ARG A 203 36.18 0.32 -3.58
N LEU A 204 36.00 -0.67 -2.71
CA LEU A 204 36.14 -2.07 -3.08
C LEU A 204 34.83 -2.65 -3.62
N PHE A 205 33.73 -2.40 -2.91
CA PHE A 205 32.44 -2.95 -3.31
C PHE A 205 31.89 -2.26 -4.55
N ARG A 206 32.22 -0.97 -4.74
CA ARG A 206 31.77 -0.17 -5.87
C ARG A 206 30.25 -0.21 -5.98
N PRO A 207 29.53 0.32 -5.00
CA PRO A 207 28.06 0.31 -5.10
C PRO A 207 27.59 1.33 -6.11
N ARG A 208 26.42 1.08 -6.70
CA ARG A 208 25.82 2.05 -7.59
C ARG A 208 24.84 2.96 -6.86
N LEU A 209 24.52 2.65 -5.61
CA LEU A 209 23.65 3.47 -4.78
C LEU A 209 23.99 3.20 -3.32
N ILE A 210 24.00 4.27 -2.52
CA ILE A 210 24.23 4.19 -1.10
C ILE A 210 23.05 4.84 -0.40
N ILE A 211 22.56 4.21 0.67
CA ILE A 211 21.41 4.68 1.42
C ILE A 211 21.89 5.40 2.68
N ALA A 212 21.59 6.69 2.76
CA ALA A 212 21.83 7.48 3.98
C ALA A 212 20.48 7.62 4.69
N GLY A 213 20.24 6.77 5.68
CA GLY A 213 18.96 6.74 6.36
C GLY A 213 18.89 5.61 7.36
N THR A 214 18.16 5.81 8.47
CA THR A 214 18.22 4.85 9.57
C THR A 214 16.84 4.63 10.16
N SER A 215 16.70 3.49 10.84
CA SER A 215 15.52 3.20 11.66
C SER A 215 15.78 3.38 13.14
N ALA A 216 17.02 3.15 13.59
CA ALA A 216 17.38 3.24 15.01
C ALA A 216 18.75 3.90 15.12
N TYR A 217 18.77 5.22 14.98
CA TYR A 217 20.00 6.00 15.07
C TYR A 217 19.64 7.33 15.72
N ALA A 218 20.30 7.65 16.83
CA ALA A 218 19.92 8.82 17.60
C ALA A 218 20.65 10.08 17.17
N ARG A 219 21.61 9.98 16.25
CA ARG A 219 22.46 11.10 15.89
C ARG A 219 22.16 11.60 14.48
N LEU A 220 22.70 12.76 14.18
CA LEU A 220 22.54 13.33 12.85
C LEU A 220 23.50 12.64 11.88
N ILE A 221 23.09 12.57 10.62
CA ILE A 221 23.84 11.86 9.59
C ILE A 221 24.64 12.87 8.79
N ASP A 222 25.92 12.57 8.56
CA ASP A 222 26.80 13.44 7.78
C ASP A 222 26.52 13.23 6.30
N TYR A 223 25.47 13.91 5.81
CA TYR A 223 25.07 13.75 4.42
C TYR A 223 26.12 14.28 3.46
N ALA A 224 26.86 15.31 3.85
CA ALA A 224 27.95 15.78 3.00
C ALA A 224 29.02 14.70 2.83
N ARG A 225 29.41 14.06 3.94
CA ARG A 225 30.36 12.96 3.87
C ARG A 225 29.82 11.81 3.02
N MET A 226 28.55 11.47 3.18
CA MET A 226 27.93 10.48 2.31
C MET A 226 28.00 10.93 0.85
N ARG A 227 27.76 12.22 0.61
CA ARG A 227 27.84 12.75 -0.75
C ARG A 227 29.23 12.58 -1.34
N GLU A 228 30.27 12.85 -0.54
CA GLU A 228 31.64 12.70 -1.03
C GLU A 228 31.94 11.25 -1.39
N VAL A 229 31.54 10.32 -0.54
CA VAL A 229 31.73 8.90 -0.83
C VAL A 229 31.01 8.52 -2.12
N CYS A 230 29.78 8.98 -2.27
CA CYS A 230 29.04 8.65 -3.49
C CYS A 230 29.69 9.29 -4.71
N ASP A 231 30.15 10.54 -4.60
CA ASP A 231 30.77 11.20 -5.72
C ASP A 231 32.06 10.51 -6.13
N GLU A 232 32.77 9.91 -5.18
CA GLU A 232 34.04 9.27 -5.49
C GLU A 232 33.82 7.96 -6.23
N VAL A 233 32.98 7.08 -5.69
CA VAL A 233 32.73 5.77 -6.29
C VAL A 233 31.64 5.86 -7.35
N LYS A 234 31.21 7.09 -7.66
CA LYS A 234 30.21 7.34 -8.70
C LYS A 234 28.92 6.54 -8.44
N ALA A 235 28.33 6.80 -7.28
CA ALA A 235 27.09 6.17 -6.85
C ALA A 235 26.03 7.22 -6.58
N HIS A 236 24.77 6.80 -6.68
CA HIS A 236 23.64 7.64 -6.29
C HIS A 236 23.55 7.69 -4.77
N LEU A 237 23.36 8.89 -4.23
CA LEU A 237 23.07 9.03 -2.81
C LEU A 237 21.56 9.09 -2.63
N LEU A 238 21.01 8.10 -1.95
CA LEU A 238 19.61 8.10 -1.57
C LEU A 238 19.51 8.36 -0.07
N ALA A 239 18.68 9.33 0.31
CA ALA A 239 18.42 9.64 1.70
C ALA A 239 17.05 9.10 2.04
N ASP A 240 16.99 8.21 3.03
CA ASP A 240 15.74 7.66 3.54
C ASP A 240 15.47 8.36 4.86
N MET A 241 14.76 9.48 4.80
CA MET A 241 14.54 10.33 5.96
C MET A 241 13.28 9.97 6.73
N ALA A 242 12.75 8.76 6.53
CA ALA A 242 11.47 8.35 7.09
C ALA A 242 11.28 8.77 8.55
N HIS A 243 12.21 8.37 9.42
CA HIS A 243 12.07 8.66 10.83
C HIS A 243 12.14 10.15 11.12
N ILE A 244 12.95 10.89 10.37
CA ILE A 244 13.27 12.28 10.70
C ILE A 244 12.58 13.25 9.75
N SER A 245 11.65 12.77 8.92
CA SER A 245 11.08 13.64 7.88
C SER A 245 10.38 14.85 8.48
N GLY A 246 9.62 14.65 9.56
CA GLY A 246 8.93 15.77 10.18
C GLY A 246 9.89 16.80 10.73
N LEU A 247 10.97 16.34 11.35
CA LEU A 247 12.00 17.26 11.82
C LEU A 247 12.66 17.99 10.65
N VAL A 248 12.82 17.31 9.52
CA VAL A 248 13.40 17.94 8.34
C VAL A 248 12.46 19.01 7.80
N ALA A 249 11.15 18.72 7.76
CA ALA A 249 10.20 19.67 7.23
C ALA A 249 10.10 20.91 8.11
N ALA A 250 10.20 20.73 9.42
CA ALA A 250 10.15 21.85 10.35
C ALA A 250 11.45 22.63 10.41
N LYS A 251 12.49 22.19 9.70
CA LYS A 251 13.79 22.85 9.70
C LYS A 251 14.37 22.95 11.10
N VAL A 252 14.15 21.92 11.90
CA VAL A 252 14.78 21.83 13.23
C VAL A 252 16.07 21.03 13.18
N ILE A 253 16.25 20.16 12.19
CA ILE A 253 17.52 19.47 11.96
C ILE A 253 17.95 19.74 10.52
N PRO A 254 19.24 19.53 10.21
CA PRO A 254 19.71 19.73 8.83
C PRO A 254 18.97 18.87 7.81
N SER A 255 18.80 19.43 6.59
CA SER A 255 18.00 18.75 5.57
C SER A 255 18.87 17.88 4.68
N PRO A 256 18.48 16.63 4.41
CA PRO A 256 19.26 15.80 3.48
C PRO A 256 19.13 16.26 2.04
N PHE A 257 18.15 17.10 1.71
CA PHE A 257 17.96 17.54 0.33
C PHE A 257 19.11 18.41 -0.17
N LYS A 258 19.96 18.89 0.72
CA LYS A 258 21.12 19.67 0.27
C LYS A 258 22.19 18.79 -0.34
N HIS A 259 22.19 17.48 -0.04
CA HIS A 259 23.23 16.58 -0.54
C HIS A 259 22.72 15.36 -1.27
N ALA A 260 21.46 14.97 -1.11
CA ALA A 260 20.96 13.74 -1.70
C ALA A 260 20.43 13.97 -3.11
N ASP A 261 20.66 12.98 -3.98
CA ASP A 261 20.05 12.97 -5.30
C ASP A 261 18.59 12.55 -5.20
N ILE A 262 18.32 11.55 -4.39
CA ILE A 262 16.98 11.00 -4.19
C ILE A 262 16.70 11.02 -2.70
N VAL A 263 15.46 11.32 -2.34
CA VAL A 263 15.02 11.30 -0.94
C VAL A 263 13.72 10.53 -0.87
N THR A 264 13.69 9.49 -0.05
CA THR A 264 12.46 8.76 0.22
C THR A 264 12.04 8.98 1.66
N THR A 265 10.74 8.87 1.90
CA THR A 265 10.30 8.98 3.28
C THR A 265 8.98 8.25 3.44
N THR A 266 8.74 7.90 4.69
CA THR A 266 7.45 7.49 5.20
C THR A 266 6.65 8.72 5.59
N THR A 267 5.33 8.66 5.42
CA THR A 267 4.48 9.77 5.80
C THR A 267 3.81 9.61 7.16
N HIS A 268 3.90 8.44 7.79
CA HIS A 268 3.23 8.16 9.05
C HIS A 268 4.14 8.20 10.28
N LYS A 269 5.36 8.71 10.16
CA LYS A 269 6.24 8.80 11.33
C LYS A 269 6.21 10.23 11.86
N THR A 270 7.35 10.91 11.91
CA THR A 270 7.35 12.27 12.43
C THR A 270 6.53 13.22 11.57
N LEU A 271 6.17 12.82 10.35
CA LEU A 271 5.27 13.62 9.54
C LEU A 271 3.81 13.52 9.97
N ARG A 272 3.50 12.56 10.85
CA ARG A 272 2.18 12.48 11.52
C ARG A 272 1.03 12.39 10.51
N GLY A 273 1.22 11.58 9.48
CA GLY A 273 0.18 11.47 8.47
C GLY A 273 -0.31 10.05 8.31
N ALA A 274 -1.06 9.78 7.23
CA ALA A 274 -1.44 8.41 6.94
C ALA A 274 -0.21 7.60 6.50
N ARG A 275 -0.35 6.28 6.55
CA ARG A 275 0.71 5.40 6.09
C ARG A 275 0.83 5.45 4.58
N SER A 276 1.94 6.01 4.10
CA SER A 276 2.20 6.13 2.67
C SER A 276 3.69 6.41 2.51
N GLY A 277 4.11 6.62 1.26
CA GLY A 277 5.51 6.89 0.99
C GLY A 277 5.66 7.93 -0.10
N LEU A 278 6.83 8.56 -0.11
CA LEU A 278 7.17 9.59 -1.09
C LEU A 278 8.58 9.36 -1.63
N ILE A 279 8.76 9.73 -2.90
CA ILE A 279 10.08 9.72 -3.52
C ILE A 279 10.34 11.10 -4.09
N PHE A 280 11.25 11.83 -3.46
CA PHE A 280 11.74 13.11 -3.98
C PHE A 280 12.95 12.86 -4.87
N TYR A 281 12.97 13.50 -6.03
CA TYR A 281 14.07 13.36 -6.98
C TYR A 281 14.42 14.73 -7.56
N ARG A 282 15.67 14.87 -7.97
CA ARG A 282 16.15 16.12 -8.56
C ARG A 282 15.74 16.24 -10.04
N LYS A 283 15.62 17.49 -10.48
CA LYS A 283 15.21 17.83 -11.83
C LYS A 283 16.13 18.94 -12.34
N GLY A 284 16.26 19.02 -13.67
CA GLY A 284 17.05 20.09 -14.23
C GLY A 284 18.48 19.70 -14.54
N VAL A 285 19.41 20.61 -14.27
CA VAL A 285 20.81 20.43 -14.66
C VAL A 285 21.53 19.64 -13.57
N LYS A 286 22.27 18.61 -13.98
CA LYS A 286 23.01 17.77 -13.07
C LYS A 286 24.38 18.37 -12.79
N THR A 292 32.38 20.86 -20.66
CA THR A 292 32.76 21.07 -22.05
C THR A 292 31.64 21.76 -22.84
N GLY A 293 30.84 22.58 -22.14
CA GLY A 293 29.76 23.30 -22.75
C GLY A 293 28.44 22.56 -22.81
N ARG A 294 28.42 21.28 -22.45
CA ARG A 294 27.20 20.47 -22.50
C ARG A 294 26.45 20.58 -21.17
N GLU A 295 25.15 20.78 -21.27
CA GLU A 295 24.27 20.85 -20.09
C GLU A 295 23.84 19.44 -19.75
N ILE A 296 24.33 18.91 -18.62
CA ILE A 296 24.03 17.55 -18.20
C ILE A 296 22.71 17.54 -17.45
N PRO A 297 21.68 16.86 -17.97
CA PRO A 297 20.38 16.86 -17.29
C PRO A 297 20.18 15.68 -16.35
N TYR A 298 19.34 15.91 -15.35
CA TYR A 298 18.91 14.86 -14.44
C TYR A 298 17.92 13.93 -15.13
N THR A 299 18.10 12.63 -14.94
CA THR A 299 17.25 11.62 -15.57
C THR A 299 16.52 10.77 -14.54
N PHE A 300 16.19 11.36 -13.39
CA PHE A 300 15.53 10.58 -12.34
C PHE A 300 14.02 10.51 -12.57
N GLU A 301 13.41 11.63 -12.97
CA GLU A 301 11.95 11.76 -12.94
C GLU A 301 11.26 10.63 -13.70
N ASP A 302 11.59 10.48 -14.98
CA ASP A 302 10.90 9.49 -15.80
C ASP A 302 11.15 8.08 -15.30
N ARG A 303 12.38 7.79 -14.89
CA ARG A 303 12.69 6.45 -14.41
C ARG A 303 11.98 6.16 -13.09
N ILE A 304 12.00 7.11 -12.16
CA ILE A 304 11.33 6.92 -10.87
C ILE A 304 9.83 6.71 -11.09
N ASN A 305 9.20 7.59 -11.87
CA ASN A 305 7.76 7.48 -12.07
C ASN A 305 7.39 6.17 -12.74
N PHE A 306 8.19 5.73 -13.72
CA PHE A 306 7.90 4.47 -14.39
C PHE A 306 8.06 3.29 -13.45
N ALA A 307 9.02 3.37 -12.54
CA ALA A 307 9.25 2.27 -11.59
C ALA A 307 8.05 2.08 -10.66
N VAL A 308 7.50 3.19 -10.16
CA VAL A 308 6.34 3.09 -9.27
C VAL A 308 5.15 2.51 -10.03
N PHE A 309 4.84 3.08 -11.19
CA PHE A 309 3.81 2.59 -12.07
C PHE A 309 4.32 2.81 -13.49
N PRO A 310 4.23 1.79 -14.38
CA PRO A 310 3.56 0.50 -14.19
C PRO A 310 4.44 -0.64 -13.68
N SER A 311 5.71 -0.37 -13.37
CA SER A 311 6.62 -1.47 -13.05
C SER A 311 6.21 -2.17 -11.76
N LEU A 312 6.02 -1.44 -10.68
CA LEU A 312 5.87 -2.05 -9.37
C LEU A 312 4.43 -2.06 -8.85
N GLN A 313 3.72 -0.94 -8.94
CA GLN A 313 2.40 -0.80 -8.33
C GLN A 313 1.31 -0.79 -9.38
N GLY A 314 0.08 -0.91 -8.91
CA GLY A 314 -1.09 -0.78 -9.76
C GLY A 314 -1.74 0.58 -9.58
N GLY A 315 -3.00 0.59 -9.16
CA GLY A 315 -3.70 1.83 -8.95
C GLY A 315 -3.28 2.54 -7.69
N PRO A 316 -3.08 3.86 -7.77
CA PRO A 316 -2.72 4.61 -6.57
C PRO A 316 -3.85 4.63 -5.56
N HIS A 317 -3.46 4.67 -4.29
CA HIS A 317 -4.44 4.79 -3.20
C HIS A 317 -4.68 6.26 -2.97
N ASN A 318 -5.66 6.82 -3.69
CA ASN A 318 -5.89 8.25 -3.67
C ASN A 318 -6.35 8.74 -2.31
N HIS A 319 -7.01 7.88 -1.54
CA HIS A 319 -7.38 8.25 -0.17
C HIS A 319 -6.13 8.46 0.68
N ALA A 320 -5.12 7.61 0.52
CA ALA A 320 -3.86 7.82 1.21
C ALA A 320 -3.15 9.07 0.70
N ILE A 321 -3.14 9.28 -0.61
CA ILE A 321 -2.52 10.47 -1.18
C ILE A 321 -3.14 11.73 -0.60
N ALA A 322 -4.47 11.75 -0.51
CA ALA A 322 -5.17 12.92 0.03
C ALA A 322 -4.84 13.11 1.51
N ALA A 323 -4.90 12.03 2.29
CA ALA A 323 -4.58 12.14 3.71
C ALA A 323 -3.17 12.64 3.91
N VAL A 324 -2.24 12.18 3.07
CA VAL A 324 -0.87 12.69 3.15
C VAL A 324 -0.83 14.17 2.85
N ALA A 325 -1.59 14.60 1.83
CA ALA A 325 -1.66 16.02 1.50
C ALA A 325 -2.16 16.85 2.68
N VAL A 326 -3.15 16.34 3.41
CA VAL A 326 -3.64 17.04 4.59
C VAL A 326 -2.53 17.19 5.62
N ALA A 327 -1.77 16.13 5.88
CA ALA A 327 -0.71 16.22 6.87
C ALA A 327 0.45 17.06 6.37
N LEU A 328 0.73 17.04 5.07
CA LEU A 328 1.80 17.87 4.52
C LEU A 328 1.47 19.35 4.68
N LYS A 329 0.20 19.73 4.49
CA LYS A 329 -0.19 21.10 4.77
C LYS A 329 0.04 21.43 6.25
N GLN A 330 -0.27 20.49 7.13
CA GLN A 330 -0.01 20.69 8.56
C GLN A 330 1.48 20.82 8.85
N ALA A 331 2.33 20.23 8.01
CA ALA A 331 3.77 20.29 8.25
C ALA A 331 4.37 21.65 7.90
N CYS A 332 3.66 22.47 7.12
CA CYS A 332 4.13 23.81 6.80
C CYS A 332 3.75 24.86 7.84
N THR A 333 2.89 24.51 8.78
CA THR A 333 2.38 25.45 9.77
C THR A 333 3.44 25.75 10.84
N PRO A 334 3.38 26.95 11.44
CA PRO A 334 4.18 27.18 12.65
C PRO A 334 3.86 26.21 13.77
N MET A 335 2.63 25.69 13.82
CA MET A 335 2.28 24.71 14.84
C MET A 335 3.20 23.49 14.75
N PHE A 336 3.49 23.04 13.53
CA PHE A 336 4.28 21.82 13.37
C PHE A 336 5.74 22.06 13.76
N ARG A 337 6.27 23.25 13.49
CA ARG A 337 7.64 23.56 13.93
C ARG A 337 7.72 23.56 15.45
N GLU A 338 6.71 24.13 16.12
CA GLU A 338 6.63 24.02 17.58
C GLU A 338 6.59 22.56 18.00
N TYR A 339 5.74 21.76 17.34
CA TYR A 339 5.63 20.35 17.67
C TYR A 339 6.98 19.65 17.52
N SER A 340 7.65 19.86 16.38
CA SER A 340 8.91 19.18 16.12
C SER A 340 10.00 19.61 17.08
N LEU A 341 10.03 20.90 17.44
CA LEU A 341 10.97 21.35 18.47
C LEU A 341 10.69 20.66 19.80
N GLN A 342 9.41 20.46 20.15
CA GLN A 342 9.07 19.75 21.37
C GLN A 342 9.56 18.32 21.33
N VAL A 343 9.40 17.65 20.18
CA VAL A 343 9.86 16.27 20.05
C VAL A 343 11.36 16.19 20.35
N LEU A 344 12.12 17.18 19.87
CA LEU A 344 13.54 17.23 20.16
C LEU A 344 13.78 17.39 21.67
N LYS A 345 13.07 18.32 22.29
CA LYS A 345 13.32 18.58 23.70
C LYS A 345 12.85 17.43 24.58
N ASN A 346 11.80 16.73 24.17
CA ASN A 346 11.32 15.62 24.98
C ASN A 346 12.20 14.39 24.86
N ALA A 347 12.90 14.23 23.73
CA ALA A 347 13.83 13.13 23.61
C ALA A 347 15.11 13.41 24.37
N ARG A 348 15.59 14.66 24.33
CA ARG A 348 16.75 15.03 25.15
C ARG A 348 16.42 14.91 26.62
N ALA A 349 15.19 15.29 27.01
CA ALA A 349 14.78 15.16 28.40
C ALA A 349 14.66 13.69 28.81
N MET A 350 14.10 12.87 27.91
CA MET A 350 14.05 11.44 28.15
C MET A 350 15.46 10.86 28.28
N ALA A 351 16.36 11.32 27.40
CA ALA A 351 17.75 10.87 27.47
C ALA A 351 18.41 11.32 28.76
N ASP A 352 18.30 12.62 29.08
CA ASP A 352 18.86 13.13 30.33
C ASP A 352 18.34 12.36 31.53
N ALA A 353 17.02 12.12 31.56
CA ALA A 353 16.44 11.39 32.69
C ALA A 353 17.02 10.00 32.79
N LEU A 354 17.15 9.30 31.67
CA LEU A 354 17.72 7.96 31.70
C LEU A 354 19.17 7.98 32.19
N LEU A 355 19.97 8.91 31.65
CA LEU A 355 21.34 9.06 32.12
C LEU A 355 21.40 9.27 33.62
N GLU A 356 20.51 10.12 34.16
CA GLU A 356 20.54 10.42 35.59
C GLU A 356 20.20 9.22 36.44
N ARG A 357 19.48 8.23 35.90
CA ARG A 357 19.06 7.06 36.67
C ARG A 357 19.96 5.85 36.43
N GLY A 358 21.13 6.04 35.83
CA GLY A 358 22.10 4.99 35.69
C GLY A 358 22.09 4.23 34.39
N TYR A 359 21.46 4.77 33.36
CA TYR A 359 21.38 4.10 32.05
C TYR A 359 22.41 4.74 31.12
N SER A 360 23.07 3.91 30.33
CA SER A 360 23.86 4.38 29.22
C SER A 360 23.04 4.34 27.94
N LEU A 361 23.37 5.25 27.02
CA LEU A 361 22.68 5.35 25.75
C LEU A 361 23.69 5.21 24.62
N VAL A 362 23.33 4.45 23.59
CA VAL A 362 24.26 4.27 22.48
C VAL A 362 24.46 5.62 21.81
N SER A 363 25.72 5.94 21.51
CA SER A 363 26.14 7.24 21.00
C SER A 363 26.04 8.32 22.07
N GLY A 364 25.73 7.95 23.31
CA GLY A 364 25.79 8.84 24.45
C GLY A 364 24.64 9.80 24.63
N GLY A 365 23.82 9.99 23.61
CA GLY A 365 22.71 10.92 23.71
C GLY A 365 21.80 10.87 22.50
N THR A 366 21.24 12.03 22.13
CA THR A 366 20.37 12.09 20.96
C THR A 366 20.35 13.51 20.42
N ASP A 367 20.22 13.61 19.10
CA ASP A 367 19.99 14.87 18.42
C ASP A 367 18.71 14.83 17.60
N ASN A 368 17.91 13.77 17.76
CA ASN A 368 16.65 13.69 17.04
C ASN A 368 15.52 13.27 17.97
N HIS A 369 14.61 12.45 17.46
CA HIS A 369 13.36 12.12 18.14
C HIS A 369 13.44 10.88 19.01
N LEU A 370 14.54 10.13 18.95
CA LEU A 370 14.57 8.83 19.63
C LEU A 370 15.81 8.70 20.49
N VAL A 371 15.77 7.69 21.35
CA VAL A 371 16.85 7.35 22.26
C VAL A 371 17.10 5.86 22.15
N LEU A 372 18.37 5.47 22.11
CA LEU A 372 18.78 4.07 22.08
C LEU A 372 19.36 3.74 23.46
N VAL A 373 18.57 3.07 24.29
CA VAL A 373 18.98 2.76 25.64
C VAL A 373 19.78 1.47 25.64
N ASP A 374 20.93 1.47 26.32
CA ASP A 374 21.75 0.28 26.50
C ASP A 374 21.47 -0.27 27.89
N LEU A 375 20.79 -1.42 27.96
CA LEU A 375 20.37 -1.99 29.23
C LEU A 375 21.35 -3.02 29.76
N ARG A 376 22.42 -3.32 29.03
CA ARG A 376 23.42 -4.26 29.53
C ARG A 376 24.07 -3.81 30.84
N PRO A 377 24.43 -2.53 31.04
CA PRO A 377 25.00 -2.14 32.35
C PRO A 377 23.99 -2.13 33.48
N LYS A 378 22.80 -2.71 33.28
CA LYS A 378 21.83 -2.84 34.35
C LYS A 378 21.33 -4.26 34.54
N GLY A 379 21.77 -5.21 33.71
CA GLY A 379 21.49 -6.62 33.93
C GLY A 379 20.22 -7.14 33.31
N LEU A 380 19.53 -6.35 32.50
CA LEU A 380 18.31 -6.77 31.84
C LEU A 380 18.46 -6.61 30.34
N ASP A 381 18.14 -7.67 29.60
CA ASP A 381 18.19 -7.59 28.14
C ASP A 381 16.96 -6.86 27.61
N GLY A 382 17.10 -6.32 26.39
CA GLY A 382 16.00 -5.57 25.80
C GLY A 382 14.78 -6.39 25.48
N ALA A 383 14.92 -7.72 25.42
CA ALA A 383 13.74 -8.56 25.15
C ALA A 383 12.87 -8.67 26.39
N ARG A 384 13.48 -8.94 27.54
CA ARG A 384 12.74 -9.00 28.79
C ARG A 384 12.12 -7.64 29.12
N ALA A 385 12.91 -6.58 28.98
CA ALA A 385 12.40 -5.25 29.29
C ALA A 385 11.24 -4.86 28.40
N GLU A 386 11.30 -5.25 27.12
CA GLU A 386 10.22 -4.89 26.20
C GLU A 386 8.90 -5.55 26.62
N ARG A 387 8.95 -6.82 27.00
CA ARG A 387 7.73 -7.52 27.39
C ARG A 387 7.19 -7.01 28.72
N VAL A 388 8.07 -6.78 29.70
CA VAL A 388 7.60 -6.30 31.00
C VAL A 388 7.06 -4.88 30.89
N LEU A 389 7.63 -4.06 30.01
CA LEU A 389 7.10 -2.72 29.81
C LEU A 389 5.77 -2.77 29.05
N GLU A 390 5.59 -3.78 28.21
CA GLU A 390 4.36 -3.89 27.43
C GLU A 390 3.19 -4.28 28.34
N LEU A 391 3.44 -5.12 29.34
CA LEU A 391 2.40 -5.53 30.27
C LEU A 391 1.96 -4.40 31.19
N VAL A 392 2.72 -3.33 31.29
CA VAL A 392 2.32 -2.14 32.04
C VAL A 392 1.97 -0.98 31.09
N SER A 393 1.69 -1.31 29.82
CA SER A 393 1.17 -0.36 28.83
C SER A 393 2.21 0.66 28.39
N ILE A 394 3.48 0.30 28.45
CA ILE A 394 4.56 1.09 27.86
C ILE A 394 5.07 0.32 26.65
N THR A 395 4.92 0.92 25.48
CA THR A 395 5.18 0.24 24.21
C THR A 395 6.50 0.74 23.64
N ALA A 396 7.50 -0.12 23.65
CA ALA A 396 8.78 0.13 23.02
C ALA A 396 9.18 -1.12 22.24
N ASN A 397 10.39 -1.10 21.68
CA ASN A 397 10.90 -2.26 20.96
C ASN A 397 12.33 -2.52 21.42
N LYS A 398 12.64 -3.80 21.63
CA LYS A 398 14.02 -4.20 21.87
C LYS A 398 14.91 -3.72 20.74
N ASN A 399 16.16 -3.44 21.08
CA ASN A 399 17.11 -2.91 20.10
C ASN A 399 18.48 -3.49 20.36
N THR A 400 19.22 -3.70 19.27
CA THR A 400 20.55 -4.27 19.35
C THR A 400 21.56 -3.19 19.65
N CYS A 401 22.36 -3.41 20.67
CA CYS A 401 23.43 -2.46 20.96
C CYS A 401 24.72 -2.95 20.32
N PRO A 402 25.65 -2.03 20.03
CA PRO A 402 26.95 -2.45 19.46
C PRO A 402 27.65 -3.43 20.39
N GLY A 403 27.97 -4.61 19.84
CA GLY A 403 28.60 -5.66 20.59
C GLY A 403 27.66 -6.79 20.97
N ASP A 404 26.35 -6.59 20.83
CA ASP A 404 25.39 -7.65 21.07
C ASP A 404 25.72 -8.87 20.23
N ARG A 405 25.68 -10.04 20.86
CA ARG A 405 25.90 -11.29 20.16
C ARG A 405 24.62 -12.09 19.98
N SER A 406 23.53 -11.70 20.64
CA SER A 406 22.28 -12.43 20.61
C SER A 406 21.16 -11.56 20.04
N ALA A 407 20.29 -12.18 19.26
CA ALA A 407 19.09 -11.51 18.77
C ALA A 407 17.84 -11.96 19.50
N ILE A 408 17.85 -13.16 20.09
CA ILE A 408 16.80 -13.54 21.03
C ILE A 408 16.72 -12.54 22.16
N THR A 409 17.87 -12.08 22.66
CA THR A 409 17.94 -11.13 23.77
C THR A 409 18.91 -10.01 23.43
N PRO A 410 18.44 -8.98 22.71
CA PRO A 410 19.28 -7.80 22.51
C PRO A 410 19.44 -7.07 23.85
N GLY A 411 20.38 -6.13 23.87
CA GLY A 411 20.74 -5.48 25.12
C GLY A 411 20.19 -4.09 25.28
N GLY A 412 19.22 -3.69 24.46
CA GLY A 412 18.73 -2.33 24.53
C GLY A 412 17.28 -2.19 24.12
N LEU A 413 16.80 -0.95 24.20
CA LEU A 413 15.47 -0.56 23.80
C LEU A 413 15.55 0.69 22.96
N ARG A 414 14.66 0.82 21.99
CA ARG A 414 14.50 2.06 21.24
C ARG A 414 13.26 2.78 21.76
N LEU A 415 13.43 4.02 22.21
CA LEU A 415 12.35 4.84 22.71
C LEU A 415 12.22 6.08 21.85
N GLY A 416 10.99 6.44 21.53
CA GLY A 416 10.73 7.58 20.66
C GLY A 416 9.75 8.54 21.28
N ALA A 417 10.00 9.82 21.05
CA ALA A 417 9.17 10.92 21.54
C ALA A 417 7.97 11.29 20.65
N PRO A 418 8.01 11.11 19.31
CA PRO A 418 6.97 11.73 18.48
C PRO A 418 5.53 11.46 18.89
N ALA A 419 5.19 10.23 19.26
CA ALA A 419 3.79 9.89 19.50
C ALA A 419 3.24 10.63 20.72
N LEU A 420 3.91 10.50 21.86
CA LEU A 420 3.42 11.16 23.07
C LEU A 420 3.53 12.68 22.95
N THR A 421 4.51 13.18 22.21
CA THR A 421 4.61 14.62 22.01
C THR A 421 3.38 15.16 21.28
N SER A 422 2.82 14.37 20.36
CA SER A 422 1.58 14.76 19.71
C SER A 422 0.41 14.80 20.69
N ARG A 423 0.50 14.07 21.80
CA ARG A 423 -0.48 14.16 22.88
C ARG A 423 -0.17 15.30 23.85
N GLN A 424 0.62 16.28 23.40
CA GLN A 424 0.99 17.46 24.19
C GLN A 424 1.78 17.08 25.44
N PHE A 425 2.57 16.02 25.34
CA PHE A 425 3.59 15.75 26.34
C PHE A 425 4.66 16.83 26.29
N ARG A 426 5.16 17.21 27.47
CA ARG A 426 6.27 18.15 27.59
C ARG A 426 7.39 17.47 28.37
N GLU A 427 8.49 18.21 28.57
CA GLU A 427 9.70 17.60 29.12
C GLU A 427 9.44 16.94 30.47
N ASP A 428 8.70 17.62 31.35
CA ASP A 428 8.40 17.02 32.65
C ASP A 428 7.62 15.72 32.50
N ASP A 429 6.71 15.68 31.53
CA ASP A 429 5.93 14.45 31.32
C ASP A 429 6.82 13.31 30.86
N PHE A 430 7.85 13.61 30.07
CA PHE A 430 8.72 12.53 29.63
C PHE A 430 9.66 12.09 30.74
N ARG A 431 9.90 12.94 31.74
CA ARG A 431 10.67 12.48 32.88
C ARG A 431 9.84 11.54 33.74
N ARG A 432 8.52 11.71 33.74
CA ARG A 432 7.66 10.76 34.42
C ARG A 432 7.60 9.45 33.64
N VAL A 433 7.68 9.52 32.31
CA VAL A 433 7.75 8.30 31.50
C VAL A 433 8.96 7.49 31.90
N VAL A 434 10.10 8.17 32.08
CA VAL A 434 11.33 7.49 32.47
C VAL A 434 11.18 6.87 33.85
N ASP A 435 10.37 7.48 34.72
CA ASP A 435 10.22 6.92 36.05
C ASP A 435 9.30 5.71 36.05
N PHE A 436 8.37 5.65 35.10
CA PHE A 436 7.61 4.43 34.88
C PHE A 436 8.47 3.33 34.27
N ILE A 437 9.34 3.69 33.32
CA ILE A 437 10.24 2.69 32.73
C ILE A 437 11.15 2.11 33.80
N ASP A 438 11.67 2.96 34.69
CA ASP A 438 12.58 2.48 35.72
C ASP A 438 11.89 1.50 36.64
N GLU A 439 10.60 1.70 36.92
CA GLU A 439 9.84 0.73 37.70
C GLU A 439 9.71 -0.60 36.97
N GLY A 440 9.47 -0.55 35.66
CA GLY A 440 9.35 -1.77 34.89
C GLY A 440 10.65 -2.54 34.82
N VAL A 441 11.76 -1.82 34.65
CA VAL A 441 13.07 -2.45 34.60
C VAL A 441 13.35 -3.16 35.93
N ASN A 442 13.00 -2.53 37.05
CA ASN A 442 13.23 -3.15 38.34
C ASN A 442 12.37 -4.40 38.51
N ILE A 443 11.11 -4.35 38.06
CA ILE A 443 10.25 -5.53 38.14
C ILE A 443 10.82 -6.66 37.29
N GLY A 444 11.37 -6.30 36.12
CA GLY A 444 11.98 -7.32 35.28
C GLY A 444 13.26 -7.87 35.89
N LEU A 445 14.04 -7.02 36.55
CA LEU A 445 15.25 -7.50 37.20
C LEU A 445 14.92 -8.49 38.31
N GLU A 446 13.83 -8.25 39.04
CA GLU A 446 13.45 -9.16 40.11
C GLU A 446 12.98 -10.49 39.56
N VAL A 447 12.47 -10.51 38.33
CA VAL A 447 11.96 -11.75 37.77
C VAL A 447 13.07 -12.58 37.12
N LYS A 448 14.06 -11.92 36.54
CA LYS A 448 15.22 -12.64 36.02
C LYS A 448 15.97 -13.36 37.14
N SER A 449 16.02 -12.76 38.33
CA SER A 449 16.45 -13.47 39.52
C SER A 449 15.74 -14.82 39.68
N LYS A 450 14.40 -14.81 39.58
CA LYS A 450 13.60 -15.98 39.92
C LYS A 450 13.31 -16.87 38.71
N THR A 451 13.87 -16.58 37.54
CA THR A 451 13.62 -17.38 36.35
C THR A 451 14.93 -17.68 35.63
N ALA A 452 14.84 -18.58 34.64
CA ALA A 452 16.01 -19.03 33.91
C ALA A 452 15.88 -18.57 32.46
N LYS A 453 15.33 -19.39 31.57
CA LYS A 453 15.27 -19.05 30.15
C LYS A 453 14.26 -17.92 29.90
N LEU A 454 14.24 -17.44 28.66
CA LEU A 454 13.36 -16.31 28.33
C LEU A 454 11.89 -16.68 28.47
N GLN A 455 11.52 -17.92 28.10
CA GLN A 455 10.13 -18.31 28.21
C GLN A 455 9.70 -18.43 29.67
N ASP A 456 10.61 -18.83 30.56
CA ASP A 456 10.28 -18.84 31.98
C ASP A 456 10.02 -17.43 32.48
N PHE A 457 10.78 -16.47 31.96
CA PHE A 457 10.55 -15.07 32.31
C PHE A 457 9.15 -14.62 31.92
N LYS A 458 8.79 -14.83 30.65
CA LYS A 458 7.53 -14.31 30.12
C LYS A 458 6.33 -14.97 30.78
N SER A 459 6.40 -16.28 31.04
CA SER A 459 5.27 -16.93 31.69
C SER A 459 5.18 -16.55 33.17
N PHE A 460 6.32 -16.27 33.81
CA PHE A 460 6.31 -15.85 35.21
C PHE A 460 5.58 -14.52 35.39
N LEU A 461 5.63 -13.65 34.39
CA LEU A 461 4.93 -12.37 34.47
C LEU A 461 3.42 -12.54 34.50
N LEU A 462 2.89 -13.65 34.00
CA LEU A 462 1.46 -13.88 33.96
C LEU A 462 0.97 -14.83 35.03
N LYS A 463 1.79 -15.81 35.43
CA LYS A 463 1.33 -16.87 36.31
C LYS A 463 1.71 -16.67 37.76
N ASP A 464 2.75 -15.88 38.05
CA ASP A 464 3.13 -15.63 39.44
C ASP A 464 2.24 -14.51 39.99
N SER A 465 1.49 -14.81 41.05
CA SER A 465 0.50 -13.86 41.54
C SER A 465 1.15 -12.59 42.06
N GLU A 466 2.26 -12.72 42.80
CA GLU A 466 2.90 -11.56 43.40
C GLU A 466 3.31 -10.54 42.35
N THR A 467 4.02 -10.99 41.31
CA THR A 467 4.43 -10.07 40.26
C THR A 467 3.28 -9.70 39.34
N SER A 468 2.27 -10.58 39.19
CA SER A 468 1.13 -10.27 38.35
C SER A 468 0.39 -9.03 38.84
N GLN A 469 0.14 -8.96 40.15
CA GLN A 469 -0.52 -7.78 40.70
C GLN A 469 0.43 -6.60 40.83
N ARG A 470 1.70 -6.86 41.12
CA ARG A 470 2.69 -5.79 41.11
C ARG A 470 2.78 -5.14 39.73
N LEU A 471 2.62 -5.94 38.67
CA LEU A 471 2.53 -5.39 37.32
C LEU A 471 1.24 -4.61 37.14
N ALA A 472 0.13 -5.17 37.64
CA ALA A 472 -1.17 -4.52 37.47
C ALA A 472 -1.21 -3.15 38.13
N ASN A 473 -0.50 -3.00 39.25
CA ASN A 473 -0.44 -1.70 39.92
C ASN A 473 0.30 -0.68 39.07
N LEU A 474 1.47 -1.06 38.54
CA LEU A 474 2.21 -0.14 37.68
C LEU A 474 1.45 0.17 36.41
N ARG A 475 0.83 -0.86 35.80
CA ARG A 475 0.03 -0.64 34.60
C ARG A 475 -1.06 0.38 34.87
N GLN A 476 -1.76 0.25 36.00
CA GLN A 476 -2.84 1.18 36.32
C GLN A 476 -2.32 2.59 36.47
N ARG A 477 -1.16 2.77 37.11
CA ARG A 477 -0.63 4.11 37.29
C ARG A 477 -0.08 4.68 35.99
N VAL A 478 0.36 3.80 35.08
CA VAL A 478 0.76 4.24 33.75
C VAL A 478 -0.46 4.72 32.97
N GLU A 479 -1.53 3.92 32.99
CA GLU A 479 -2.69 4.23 32.16
C GLU A 479 -3.44 5.46 32.68
N GLN A 480 -3.57 5.60 34.00
CA GLN A 480 -4.18 6.81 34.54
C GLN A 480 -3.43 8.06 34.10
N PHE A 481 -2.10 7.97 34.05
CA PHE A 481 -1.28 9.12 33.68
C PHE A 481 -1.45 9.45 32.21
N ALA A 482 -1.50 8.43 31.35
CA ALA A 482 -1.57 8.68 29.91
C ALA A 482 -2.98 9.10 29.47
N ARG A 483 -4.02 8.56 30.10
CA ARG A 483 -5.38 8.87 29.65
C ARG A 483 -5.69 10.36 29.71
N ALA A 484 -5.06 11.08 30.65
CA ALA A 484 -5.35 12.49 30.86
C ALA A 484 -4.90 13.37 29.70
N PHE A 485 -4.06 12.86 28.81
CA PHE A 485 -3.57 13.73 27.76
C PHE A 485 -4.51 13.67 26.54
N PRO A 486 -4.59 14.75 25.79
CA PRO A 486 -5.41 14.74 24.58
C PRO A 486 -4.82 13.80 23.53
N MET A 487 -5.68 13.34 22.62
CA MET A 487 -5.30 12.34 21.64
C MET A 487 -5.78 12.77 20.26
N PRO A 488 -4.90 12.94 19.28
CA PRO A 488 -5.34 13.24 17.91
C PRO A 488 -6.23 12.15 17.35
N GLY A 489 -7.07 12.55 16.39
CA GLY A 489 -7.96 11.63 15.72
C GLY A 489 -9.39 11.73 16.19
N PHE A 490 -10.14 10.67 15.88
CA PHE A 490 -11.53 10.59 16.31
C PHE A 490 -11.58 10.25 17.81
N ASP A 491 -12.77 10.44 18.40
CA ASP A 491 -12.91 10.20 19.83
C ASP A 491 -13.04 8.71 20.13
N GLU A 492 -13.73 7.97 19.27
CA GLU A 492 -14.15 6.61 19.56
C GLU A 492 -13.53 5.56 18.67
N HIS A 493 -12.78 5.95 17.65
CA HIS A 493 -12.15 4.98 16.76
C HIS A 493 -10.94 5.57 16.03
N TRP B 32 -3.50 23.28 18.98
CA TRP B 32 -3.70 22.18 18.02
C TRP B 32 -3.90 20.86 18.74
N THR B 33 -4.96 20.15 18.38
CA THR B 33 -5.31 18.89 19.02
C THR B 33 -5.28 17.69 18.09
N GLY B 34 -5.36 17.89 16.78
CA GLY B 34 -5.51 16.76 15.89
C GLY B 34 -6.91 16.20 15.81
N GLN B 35 -7.88 16.84 16.46
CA GLN B 35 -9.26 16.41 16.44
C GLN B 35 -10.15 17.35 15.64
N GLU B 36 -9.58 18.38 15.02
CA GLU B 36 -10.35 19.28 14.19
C GLU B 36 -10.84 18.58 12.93
N SER B 37 -12.01 18.98 12.46
CA SER B 37 -12.57 18.38 11.26
C SER B 37 -11.77 18.77 10.03
N LEU B 38 -11.84 17.90 9.01
CA LEU B 38 -11.19 18.21 7.73
C LEU B 38 -11.79 19.46 7.10
N SER B 39 -13.11 19.61 7.16
CA SER B 39 -13.76 20.78 6.57
C SER B 39 -13.31 22.07 7.26
N ASP B 40 -13.03 22.02 8.56
CA ASP B 40 -12.61 23.23 9.25
C ASP B 40 -11.12 23.50 9.06
N SER B 41 -10.30 22.45 9.11
CA SER B 41 -8.85 22.60 9.10
C SER B 41 -8.26 22.71 7.69
N ASP B 42 -8.84 22.03 6.72
CA ASP B 42 -8.31 21.98 5.36
C ASP B 42 -9.46 22.11 4.37
N PRO B 43 -9.98 23.33 4.20
CA PRO B 43 -11.10 23.52 3.25
C PRO B 43 -10.71 23.27 1.81
N GLU B 44 -9.46 23.55 1.44
CA GLU B 44 -9.03 23.29 0.07
C GLU B 44 -9.16 21.81 -0.27
N MET B 45 -8.67 20.95 0.62
CA MET B 45 -8.80 19.52 0.39
C MET B 45 -10.25 19.07 0.53
N TRP B 46 -10.96 19.63 1.50
CA TRP B 46 -12.34 19.22 1.75
C TRP B 46 -13.22 19.48 0.53
N GLU B 47 -12.99 20.59 -0.18
CA GLU B 47 -13.75 20.85 -1.39
C GLU B 47 -13.40 19.85 -2.48
N LEU B 48 -12.13 19.47 -2.57
CA LEU B 48 -11.73 18.45 -3.53
C LEU B 48 -12.42 17.13 -3.24
N LEU B 49 -12.46 16.73 -1.96
CA LEU B 49 -13.19 15.52 -1.59
C LEU B 49 -14.64 15.61 -2.00
N GLN B 50 -15.28 16.73 -1.70
CA GLN B 50 -16.68 16.89 -2.08
C GLN B 50 -16.85 16.88 -3.59
N ARG B 51 -15.88 17.47 -4.31
CA ARG B 51 -15.95 17.47 -5.76
C ARG B 51 -15.85 16.06 -6.32
N GLU B 52 -14.98 15.22 -5.72
CA GLU B 52 -14.85 13.85 -6.20
C GLU B 52 -16.08 13.03 -5.85
N LYS B 53 -16.64 13.23 -4.65
CA LYS B 53 -17.86 12.54 -4.29
C LYS B 53 -19.01 12.93 -5.21
N ASP B 54 -19.09 14.21 -5.55
CA ASP B 54 -20.09 14.65 -6.53
C ASP B 54 -19.85 13.99 -7.88
N ARG B 55 -18.58 13.84 -8.26
CA ARG B 55 -18.26 13.22 -9.55
C ARG B 55 -18.71 11.77 -9.60
N GLN B 56 -18.52 11.03 -8.50
CA GLN B 56 -18.98 9.65 -8.46
C GLN B 56 -20.49 9.56 -8.36
N CYS B 57 -21.12 10.54 -7.70
CA CYS B 57 -22.57 10.52 -7.55
C CYS B 57 -23.27 10.86 -8.85
N ARG B 58 -22.68 11.77 -9.65
CA ARG B 58 -23.35 12.27 -10.85
C ARG B 58 -23.05 11.45 -12.09
N GLY B 59 -22.02 10.61 -12.06
CA GLY B 59 -21.60 9.86 -13.22
C GLY B 59 -22.05 8.42 -13.20
N LEU B 60 -22.02 7.79 -14.36
CA LEU B 60 -22.24 6.35 -14.48
C LEU B 60 -20.88 5.68 -14.61
N GLU B 61 -20.46 5.02 -13.54
CA GLU B 61 -19.13 4.43 -13.43
C GLU B 61 -19.16 3.04 -14.05
N LEU B 62 -18.49 2.89 -15.19
CA LEU B 62 -18.46 1.61 -15.90
C LEU B 62 -17.07 0.99 -15.94
N ILE B 63 -16.11 1.49 -15.17
CA ILE B 63 -14.81 0.84 -15.07
C ILE B 63 -14.97 -0.47 -14.32
N ALA B 64 -14.64 -1.58 -14.97
CA ALA B 64 -14.94 -2.90 -14.43
C ALA B 64 -14.20 -3.16 -13.12
N SER B 65 -13.14 -2.43 -12.83
CA SER B 65 -12.35 -2.63 -11.62
C SER B 65 -12.74 -1.71 -10.49
N GLU B 66 -13.73 -0.84 -10.69
CA GLU B 66 -14.10 0.12 -9.69
C GLU B 66 -15.41 -0.27 -9.01
N ASN B 67 -15.55 0.16 -7.77
CA ASN B 67 -16.75 -0.10 -6.99
C ASN B 67 -16.91 1.04 -5.99
N PHE B 68 -18.01 1.02 -5.26
CA PHE B 68 -18.31 2.04 -4.27
C PHE B 68 -18.29 1.38 -2.90
N CYS B 69 -17.28 1.74 -2.11
CA CYS B 69 -17.03 1.09 -0.82
C CYS B 69 -18.08 1.51 0.20
N SER B 70 -18.41 0.56 1.09
CA SER B 70 -19.43 0.81 2.09
C SER B 70 -18.94 1.78 3.15
N ARG B 71 -19.88 2.49 3.77
CA ARG B 71 -19.53 3.40 4.85
C ARG B 71 -18.81 2.66 5.97
N ALA B 72 -19.29 1.47 6.32
CA ALA B 72 -18.69 0.71 7.43
C ALA B 72 -17.21 0.45 7.20
N ALA B 73 -16.85 0.04 5.98
CA ALA B 73 -15.44 -0.20 5.69
C ALA B 73 -14.65 1.10 5.68
N LEU B 74 -15.19 2.16 5.08
CA LEU B 74 -14.48 3.44 5.02
C LEU B 74 -14.22 3.99 6.42
N GLU B 75 -15.16 3.79 7.36
CA GLU B 75 -14.93 4.26 8.73
C GLU B 75 -13.80 3.52 9.39
N ALA B 76 -13.62 2.26 9.04
CA ALA B 76 -12.47 1.50 9.50
C ALA B 76 -11.20 1.89 8.74
N LEU B 77 -11.32 2.20 7.45
CA LEU B 77 -10.15 2.60 6.67
C LEU B 77 -9.53 3.87 7.24
N GLY B 78 -10.36 4.84 7.60
CA GLY B 78 -9.89 6.05 8.24
C GLY B 78 -10.07 5.98 9.74
N SER B 79 -9.27 5.15 10.40
CA SER B 79 -9.40 4.89 11.83
C SER B 79 -8.03 5.02 12.49
N CYS B 80 -8.00 4.83 13.81
CA CYS B 80 -6.76 4.88 14.56
C CYS B 80 -5.85 3.71 14.24
N LEU B 81 -6.34 2.71 13.53
CA LEU B 81 -5.48 1.59 13.14
C LEU B 81 -4.34 2.03 12.22
N ASN B 82 -4.46 3.20 11.61
CA ASN B 82 -3.33 3.77 10.87
C ASN B 82 -2.13 4.00 11.79
N ASN B 83 -2.36 4.28 13.06
CA ASN B 83 -1.31 4.68 13.99
C ASN B 83 -0.45 3.52 14.46
N LYS B 84 -0.86 2.27 14.25
CA LYS B 84 -0.21 1.12 14.87
C LYS B 84 0.77 0.48 13.91
N TYR B 85 2.05 0.50 14.26
CA TYR B 85 3.04 -0.36 13.62
C TYR B 85 2.92 -1.76 14.21
N SER B 86 2.73 -2.77 13.37
CA SER B 86 2.57 -4.14 13.83
C SER B 86 3.31 -5.10 12.90
N GLU B 87 4.57 -4.80 12.61
CA GLU B 87 5.39 -5.65 11.76
C GLU B 87 5.44 -7.09 12.29
N GLY B 88 5.33 -8.04 11.37
CA GLY B 88 5.26 -9.43 11.74
C GLY B 88 3.90 -10.03 11.44
N TYR B 89 3.50 -11.02 12.22
CA TYR B 89 2.23 -11.73 12.05
C TYR B 89 1.68 -12.05 13.43
N PRO B 90 0.38 -12.32 13.53
CA PRO B 90 -0.19 -12.60 14.86
C PRO B 90 0.54 -13.73 15.56
N GLY B 91 0.94 -13.47 16.80
CA GLY B 91 1.74 -14.39 17.57
C GLY B 91 3.23 -14.37 17.25
N LYS B 92 3.62 -13.78 16.11
CA LYS B 92 5.02 -13.70 15.70
C LYS B 92 5.33 -12.29 15.22
N ARG B 93 5.10 -11.30 16.08
CA ARG B 93 5.47 -9.92 15.81
C ARG B 93 6.81 -9.61 16.46
N TYR B 94 7.42 -8.50 16.04
CA TYR B 94 8.78 -8.21 16.47
C TYR B 94 8.86 -7.20 17.61
N TYR B 95 7.80 -6.44 17.87
CA TYR B 95 7.66 -5.66 19.09
C TYR B 95 6.36 -6.08 19.78
N GLY B 96 5.95 -5.28 20.77
CA GLY B 96 4.71 -5.51 21.47
C GLY B 96 3.63 -4.49 21.11
N GLY B 97 2.59 -4.50 21.93
CA GLY B 97 1.45 -3.61 21.74
C GLY B 97 0.48 -4.02 20.65
N ALA B 98 0.64 -5.20 20.05
CA ALA B 98 -0.22 -5.68 18.98
C ALA B 98 -1.40 -6.49 19.49
N GLU B 99 -1.78 -6.33 20.76
CA GLU B 99 -2.84 -7.13 21.36
C GLU B 99 -4.11 -7.09 20.51
N VAL B 100 -4.51 -5.89 20.08
CA VAL B 100 -5.78 -5.76 19.37
C VAL B 100 -5.62 -6.10 17.89
N VAL B 101 -4.58 -5.57 17.24
CA VAL B 101 -4.44 -5.80 15.80
C VAL B 101 -4.18 -7.26 15.47
N ASP B 102 -3.65 -8.05 16.42
CA ASP B 102 -3.56 -9.49 16.22
C ASP B 102 -4.93 -10.09 15.97
N GLU B 103 -5.91 -9.73 16.81
CA GLU B 103 -7.27 -10.25 16.62
C GLU B 103 -7.92 -9.65 15.38
N ILE B 104 -7.57 -8.40 15.03
CA ILE B 104 -8.08 -7.81 13.81
C ILE B 104 -7.59 -8.60 12.59
N GLU B 105 -6.29 -8.91 12.57
CA GLU B 105 -5.74 -9.66 11.45
C GLU B 105 -6.29 -11.09 11.42
N LEU B 106 -6.38 -11.72 12.59
CA LEU B 106 -6.93 -13.07 12.64
C LEU B 106 -8.39 -13.10 12.22
N LEU B 107 -9.17 -12.09 12.64
CA LEU B 107 -10.55 -12.01 12.21
C LEU B 107 -10.65 -11.80 10.70
N CYS B 108 -9.74 -10.98 10.14
CA CYS B 108 -9.71 -10.81 8.70
C CYS B 108 -9.37 -12.12 8.00
N GLN B 109 -8.42 -12.88 8.56
CA GLN B 109 -8.08 -14.18 8.00
C GLN B 109 -9.26 -15.13 8.03
N ARG B 110 -9.92 -15.22 9.20
CA ARG B 110 -11.08 -16.09 9.32
C ARG B 110 -12.19 -15.67 8.36
N ARG B 111 -12.42 -14.36 8.25
CA ARG B 111 -13.46 -13.89 7.35
C ARG B 111 -13.10 -14.14 5.89
N ALA B 112 -11.80 -14.08 5.54
CA ALA B 112 -11.40 -14.37 4.17
C ALA B 112 -11.67 -15.82 3.80
N LEU B 113 -11.25 -16.74 4.66
CA LEU B 113 -11.48 -18.16 4.39
C LEU B 113 -12.97 -18.47 4.40
N GLU B 114 -13.70 -17.86 5.34
CA GLU B 114 -15.15 -18.07 5.39
C GLU B 114 -15.81 -17.57 4.10
N ALA B 115 -15.42 -16.38 3.64
CA ALA B 115 -16.06 -15.77 2.48
C ALA B 115 -15.90 -16.60 1.22
N PHE B 116 -14.87 -17.46 1.15
CA PHE B 116 -14.64 -18.27 -0.03
C PHE B 116 -14.85 -19.76 0.24
N ASP B 117 -15.44 -20.10 1.39
CA ASP B 117 -15.79 -21.48 1.73
C ASP B 117 -14.56 -22.38 1.74
N LEU B 118 -13.53 -21.94 2.46
CA LEU B 118 -12.25 -22.63 2.54
C LEU B 118 -12.12 -23.31 3.89
N ASP B 119 -11.69 -24.56 3.88
CA ASP B 119 -11.40 -25.27 5.13
C ASP B 119 -10.09 -24.74 5.71
N PRO B 120 -10.09 -24.23 6.95
CA PRO B 120 -8.85 -23.67 7.51
C PRO B 120 -7.70 -24.67 7.62
N ALA B 121 -7.94 -25.96 7.38
CA ALA B 121 -6.87 -26.95 7.38
C ALA B 121 -6.26 -27.18 6.00
N GLN B 122 -6.89 -26.69 4.94
CA GLN B 122 -6.37 -26.84 3.60
C GLN B 122 -5.95 -25.51 2.96
N TRP B 123 -6.36 -24.38 3.52
CA TRP B 123 -6.10 -23.08 2.93
C TRP B 123 -5.72 -22.09 4.02
N GLY B 124 -4.73 -21.24 3.71
CA GLY B 124 -4.39 -20.10 4.54
C GLY B 124 -4.44 -18.84 3.71
N VAL B 125 -4.42 -17.70 4.40
CA VAL B 125 -4.50 -16.41 3.72
C VAL B 125 -3.58 -15.41 4.39
N ASN B 126 -2.85 -14.66 3.57
CA ASN B 126 -2.13 -13.47 4.00
C ASN B 126 -2.97 -12.26 3.63
N VAL B 127 -3.22 -11.40 4.62
CA VAL B 127 -4.12 -10.27 4.44
C VAL B 127 -3.37 -8.94 4.45
N GLN B 128 -2.03 -8.98 4.46
CA GLN B 128 -1.18 -7.80 4.50
C GLN B 128 -0.77 -7.17 3.17
N PRO B 129 -0.92 -7.81 2.00
CA PRO B 129 -0.53 -7.15 0.76
C PRO B 129 -1.20 -5.79 0.59
N TYR B 130 -0.39 -4.77 0.28
CA TYR B 130 -0.91 -3.41 0.17
C TYR B 130 -1.92 -3.27 -0.95
N SER B 131 -1.77 -4.02 -2.03
CA SER B 131 -2.71 -3.97 -3.13
C SER B 131 -2.57 -5.25 -3.94
N GLY B 132 -3.10 -5.26 -5.16
CA GLY B 132 -3.03 -6.45 -5.99
C GLY B 132 -1.64 -6.69 -6.54
N SER B 133 -1.03 -5.65 -7.10
CA SER B 133 0.33 -5.77 -7.61
C SER B 133 1.31 -6.28 -6.55
N PRO B 134 1.35 -5.75 -5.32
CA PRO B 134 2.22 -6.35 -4.31
C PRO B 134 1.87 -7.78 -3.99
N ALA B 135 0.58 -8.15 -4.04
CA ALA B 135 0.19 -9.52 -3.74
C ALA B 135 0.85 -10.50 -4.71
N ASN B 136 0.80 -10.19 -6.01
CA ASN B 136 1.40 -11.08 -7.00
C ASN B 136 2.92 -11.11 -6.87
N LEU B 137 3.55 -9.94 -6.71
CA LEU B 137 5.01 -9.90 -6.60
C LEU B 137 5.50 -10.68 -5.39
N ALA B 138 4.73 -10.71 -4.31
CA ALA B 138 5.10 -11.52 -3.16
C ALA B 138 5.07 -13.00 -3.49
N VAL B 139 4.09 -13.43 -4.28
CA VAL B 139 3.97 -14.85 -4.62
C VAL B 139 5.19 -15.31 -5.43
N TYR B 140 5.59 -14.51 -6.42
CA TYR B 140 6.75 -14.87 -7.22
C TYR B 140 8.00 -14.90 -6.35
N THR B 141 8.17 -13.87 -5.52
CA THR B 141 9.29 -13.83 -4.59
C THR B 141 9.29 -15.05 -3.67
N ALA B 142 8.10 -15.47 -3.22
CA ALA B 142 8.03 -16.57 -2.28
C ALA B 142 8.39 -17.89 -2.93
N LEU B 143 7.89 -18.14 -4.13
CA LEU B 143 8.00 -19.46 -4.74
C LEU B 143 9.12 -19.57 -5.77
N LEU B 144 9.59 -18.46 -6.32
CA LEU B 144 10.56 -18.50 -7.39
C LEU B 144 11.86 -17.81 -7.00
N GLN B 145 12.90 -18.19 -7.68
CA GLN B 145 14.19 -17.51 -7.68
C GLN B 145 14.15 -16.38 -8.71
N PRO B 146 14.96 -15.35 -8.54
CA PRO B 146 15.07 -14.33 -9.59
C PRO B 146 15.40 -14.97 -10.93
N HIS B 147 14.70 -14.52 -11.96
CA HIS B 147 14.78 -14.96 -13.36
C HIS B 147 14.11 -16.30 -13.61
N ASP B 148 13.48 -16.91 -12.61
CA ASP B 148 12.65 -18.09 -12.87
C ASP B 148 11.45 -17.68 -13.73
N ARG B 149 10.87 -18.67 -14.40
CA ARG B 149 9.97 -18.39 -15.51
C ARG B 149 8.51 -18.43 -15.11
N ILE B 150 7.73 -17.49 -15.67
CA ILE B 150 6.32 -17.30 -15.40
C ILE B 150 5.60 -17.14 -16.72
N MET B 151 4.35 -17.58 -16.76
CA MET B 151 3.51 -17.44 -17.95
C MET B 151 2.19 -16.81 -17.56
N GLY B 152 1.78 -15.77 -18.30
CA GLY B 152 0.51 -15.11 -18.07
C GLY B 152 -0.11 -14.66 -19.39
N LEU B 153 -1.38 -14.29 -19.30
CA LEU B 153 -2.05 -13.73 -20.47
C LEU B 153 -1.46 -12.37 -20.79
N ASP B 154 -1.16 -12.15 -22.07
CA ASP B 154 -0.56 -10.89 -22.48
C ASP B 154 -1.49 -9.73 -22.14
N LEU B 155 -0.89 -8.58 -21.83
CA LEU B 155 -1.70 -7.42 -21.42
C LEU B 155 -2.67 -6.97 -22.51
N PRO B 156 -2.26 -6.77 -23.77
CA PRO B 156 -3.26 -6.44 -24.80
C PRO B 156 -4.27 -7.55 -25.03
N ASP B 157 -3.98 -8.77 -24.63
CA ASP B 157 -4.92 -9.88 -24.71
C ASP B 157 -5.85 -9.96 -23.51
N GLY B 158 -5.71 -9.06 -22.54
CA GLY B 158 -6.56 -9.04 -21.38
C GLY B 158 -5.91 -9.39 -20.06
N GLY B 159 -4.59 -9.61 -20.04
CA GLY B 159 -3.90 -9.89 -18.80
C GLY B 159 -3.41 -8.62 -18.13
N HIS B 160 -3.07 -8.76 -16.85
CA HIS B 160 -2.61 -7.61 -16.08
C HIS B 160 -1.10 -7.45 -16.16
N LEU B 161 -0.63 -6.23 -15.86
CA LEU B 161 0.79 -5.95 -15.81
C LEU B 161 1.54 -7.01 -15.00
N THR B 162 1.08 -7.27 -13.77
CA THR B 162 1.76 -8.14 -12.83
C THR B 162 1.75 -9.58 -13.23
N HIS B 163 1.24 -9.92 -14.42
CA HIS B 163 1.36 -11.27 -14.95
C HIS B 163 2.58 -11.42 -15.86
N GLY B 164 3.49 -10.44 -15.84
CA GLY B 164 4.76 -10.55 -16.52
C GLY B 164 4.86 -9.77 -17.81
N TYR B 165 4.17 -8.64 -17.92
CA TYR B 165 4.07 -7.96 -19.21
C TYR B 165 5.37 -7.27 -19.57
N MET B 166 5.97 -7.69 -20.69
CA MET B 166 6.99 -6.92 -21.38
C MET B 166 6.52 -6.73 -22.81
N SER B 167 6.78 -5.57 -23.38
CA SER B 167 6.47 -5.32 -24.78
C SER B 167 7.65 -5.76 -25.65
N ASP B 168 7.60 -5.43 -26.94
CA ASP B 168 8.70 -5.70 -27.85
C ASP B 168 9.83 -4.70 -27.71
N VAL B 169 9.70 -3.69 -26.85
CA VAL B 169 10.67 -2.61 -26.77
C VAL B 169 11.20 -2.48 -25.35
N LYS B 170 10.40 -2.87 -24.36
CA LYS B 170 10.68 -2.51 -22.98
C LYS B 170 10.11 -3.57 -22.04
N ARG B 171 10.84 -3.85 -20.97
CA ARG B 171 10.27 -4.59 -19.84
C ARG B 171 9.39 -3.65 -19.05
N ILE B 172 8.09 -3.92 -19.03
CA ILE B 172 7.13 -2.99 -18.43
C ILE B 172 6.96 -3.26 -16.95
N SER B 173 6.38 -4.41 -16.61
CA SER B 173 6.15 -4.73 -15.21
C SER B 173 7.42 -5.29 -14.58
N ALA B 174 7.60 -5.00 -13.29
CA ALA B 174 8.73 -5.57 -12.56
C ALA B 174 8.65 -7.09 -12.50
N THR B 175 7.46 -7.65 -12.69
CA THR B 175 7.31 -9.09 -12.79
C THR B 175 7.98 -9.65 -14.05
N SER B 176 8.34 -8.81 -15.00
CA SER B 176 9.14 -9.21 -16.15
C SER B 176 10.61 -8.81 -16.03
N ILE B 177 10.97 -8.03 -15.02
CA ILE B 177 12.36 -7.66 -14.78
C ILE B 177 13.03 -8.66 -13.87
N PHE B 178 12.42 -8.93 -12.72
CA PHE B 178 12.96 -9.85 -11.73
C PHE B 178 12.66 -11.30 -12.06
N PHE B 179 11.74 -11.56 -12.99
CA PHE B 179 11.42 -12.91 -13.40
C PHE B 179 11.26 -12.95 -14.91
N GLU B 180 11.45 -14.12 -15.50
CA GLU B 180 11.41 -14.28 -16.94
C GLU B 180 10.01 -14.68 -17.37
N SER B 181 9.37 -13.84 -18.17
CA SER B 181 7.97 -14.02 -18.53
C SER B 181 7.83 -14.24 -20.02
N MET B 182 6.97 -15.19 -20.38
CA MET B 182 6.50 -15.32 -21.75
C MET B 182 4.98 -15.31 -21.72
N PRO B 183 4.32 -14.52 -22.55
CA PRO B 183 2.86 -14.44 -22.48
C PRO B 183 2.22 -15.57 -23.28
N TYR B 184 1.01 -15.93 -22.86
CA TYR B 184 0.13 -16.73 -23.70
C TYR B 184 -0.96 -15.83 -24.26
N LYS B 185 -1.49 -16.22 -25.41
CA LYS B 185 -2.33 -15.34 -26.20
C LYS B 185 -3.73 -15.92 -26.35
N LEU B 186 -4.62 -15.07 -26.84
CA LEU B 186 -5.96 -15.49 -27.22
C LEU B 186 -5.94 -16.09 -28.62
N ASN B 187 -6.98 -16.87 -28.91
CA ASN B 187 -7.30 -17.24 -30.28
C ASN B 187 -7.89 -16.01 -30.94
N PRO B 188 -7.22 -15.38 -31.91
CA PRO B 188 -7.55 -14.00 -32.29
C PRO B 188 -8.93 -13.77 -32.91
N LYS B 189 -9.72 -14.81 -33.17
CA LYS B 189 -11.11 -14.63 -33.57
C LYS B 189 -12.09 -15.44 -32.74
N THR B 190 -11.63 -16.35 -31.88
CA THR B 190 -12.51 -17.01 -30.93
C THR B 190 -12.76 -16.14 -29.70
N GLY B 191 -11.84 -15.22 -29.40
CA GLY B 191 -11.90 -14.42 -28.21
C GLY B 191 -11.59 -15.15 -26.93
N LEU B 192 -11.41 -16.47 -26.98
CA LEU B 192 -11.07 -17.25 -25.79
C LEU B 192 -9.56 -17.45 -25.72
N ILE B 193 -9.11 -17.82 -24.53
CA ILE B 193 -7.70 -18.13 -24.34
C ILE B 193 -7.35 -19.36 -25.15
N ASP B 194 -6.26 -19.28 -25.92
CA ASP B 194 -5.81 -20.41 -26.73
C ASP B 194 -5.13 -21.40 -25.78
N TYR B 195 -5.95 -22.23 -25.15
CA TYR B 195 -5.42 -23.21 -24.20
C TYR B 195 -4.53 -24.23 -24.87
N ASN B 196 -4.75 -24.50 -26.15
CA ASN B 196 -3.87 -25.43 -26.85
C ASN B 196 -2.49 -24.83 -27.07
N GLN B 197 -2.44 -23.59 -27.55
CA GLN B 197 -1.16 -22.94 -27.78
C GLN B 197 -0.42 -22.69 -26.47
N LEU B 198 -1.17 -22.50 -25.38
CA LEU B 198 -0.55 -22.37 -24.06
C LEU B 198 0.05 -23.69 -23.60
N ALA B 199 -0.65 -24.81 -23.85
CA ALA B 199 -0.10 -26.11 -23.51
C ALA B 199 1.14 -26.41 -24.35
N LEU B 200 1.13 -25.98 -25.61
CA LEU B 200 2.26 -26.22 -26.50
C LEU B 200 3.49 -25.47 -26.02
N THR B 201 3.34 -24.18 -25.76
CA THR B 201 4.49 -23.35 -25.38
C THR B 201 4.98 -23.64 -23.96
N ALA B 202 4.11 -24.17 -23.09
CA ALA B 202 4.52 -24.43 -21.71
C ALA B 202 5.58 -25.54 -21.63
N ARG B 203 5.53 -26.52 -22.54
CA ARG B 203 6.54 -27.56 -22.52
C ARG B 203 7.86 -27.09 -23.11
N LEU B 204 7.83 -26.03 -23.92
CA LEU B 204 9.07 -25.46 -24.43
C LEU B 204 9.64 -24.45 -23.44
N PHE B 205 8.80 -23.54 -22.93
CA PHE B 205 9.27 -22.51 -22.01
C PHE B 205 9.61 -23.09 -20.65
N ARG B 206 8.93 -24.15 -20.23
CA ARG B 206 9.11 -24.77 -18.93
C ARG B 206 8.99 -23.73 -17.81
N PRO B 207 7.83 -23.12 -17.65
CA PRO B 207 7.64 -22.17 -16.56
C PRO B 207 7.45 -22.91 -15.25
N ARG B 208 7.81 -22.26 -14.15
CA ARG B 208 7.52 -22.83 -12.84
C ARG B 208 6.24 -22.27 -12.23
N LEU B 209 5.63 -21.28 -12.86
CA LEU B 209 4.35 -20.76 -12.40
C LEU B 209 3.59 -20.16 -13.58
N ILE B 210 2.29 -20.44 -13.63
CA ILE B 210 1.40 -19.86 -14.64
C ILE B 210 0.26 -19.16 -13.92
N ILE B 211 -0.09 -17.97 -14.40
CA ILE B 211 -1.14 -17.16 -13.79
C ILE B 211 -2.41 -17.32 -14.63
N ALA B 212 -3.44 -17.88 -14.01
CA ALA B 212 -4.77 -17.95 -14.60
C ALA B 212 -5.60 -16.83 -13.96
N GLY B 213 -5.71 -15.71 -14.67
CA GLY B 213 -6.38 -14.54 -14.14
C GLY B 213 -6.29 -13.40 -15.12
N THR B 214 -7.32 -12.55 -15.15
CA THR B 214 -7.44 -11.55 -16.20
C THR B 214 -7.93 -10.23 -15.61
N SER B 215 -7.64 -9.16 -16.34
CA SER B 215 -8.23 -7.85 -16.10
C SER B 215 -9.28 -7.45 -17.13
N ALA B 216 -9.19 -7.99 -18.36
CA ALA B 216 -10.10 -7.65 -19.45
C ALA B 216 -10.44 -8.93 -20.22
N TYR B 217 -11.31 -9.74 -19.63
CA TYR B 217 -11.74 -11.00 -20.23
C TYR B 217 -13.18 -11.23 -19.82
N ALA B 218 -14.06 -11.38 -20.80
CA ALA B 218 -15.49 -11.45 -20.51
C ALA B 218 -15.99 -12.87 -20.24
N ARG B 219 -15.21 -13.89 -20.58
CA ARG B 219 -15.64 -15.27 -20.40
C ARG B 219 -15.01 -15.85 -19.13
N LEU B 220 -15.12 -17.16 -18.98
CA LEU B 220 -14.68 -17.86 -17.79
C LEU B 220 -13.43 -18.69 -18.12
N ILE B 221 -12.62 -18.93 -17.09
CA ILE B 221 -11.33 -19.58 -17.23
C ILE B 221 -11.44 -21.05 -16.85
N ASP B 222 -10.90 -21.92 -17.70
CA ASP B 222 -10.89 -23.36 -17.46
C ASP B 222 -9.75 -23.69 -16.50
N TYR B 223 -10.04 -23.55 -15.21
CA TYR B 223 -9.03 -23.81 -14.20
C TYR B 223 -8.61 -25.27 -14.17
N ALA B 224 -9.54 -26.18 -14.48
CA ALA B 224 -9.17 -27.58 -14.58
C ALA B 224 -8.15 -27.81 -15.69
N ARG B 225 -8.32 -27.10 -16.82
CA ARG B 225 -7.37 -27.23 -17.91
C ARG B 225 -6.04 -26.56 -17.57
N MET B 226 -6.10 -25.40 -16.89
CA MET B 226 -4.87 -24.73 -16.49
C MET B 226 -4.05 -25.61 -15.54
N ARG B 227 -4.73 -26.28 -14.60
CA ARG B 227 -4.04 -27.20 -13.70
C ARG B 227 -3.41 -28.35 -14.48
N GLU B 228 -4.13 -28.87 -15.48
CA GLU B 228 -3.60 -29.96 -16.29
C GLU B 228 -2.32 -29.54 -16.99
N VAL B 229 -2.33 -28.34 -17.59
CA VAL B 229 -1.11 -27.81 -18.20
C VAL B 229 -0.04 -27.62 -17.12
N CYS B 230 -0.42 -27.05 -15.98
CA CYS B 230 0.52 -26.83 -14.89
C CYS B 230 1.02 -28.14 -14.31
N ASP B 231 0.12 -29.12 -14.13
CA ASP B 231 0.55 -30.41 -13.57
C ASP B 231 1.53 -31.10 -14.48
N GLU B 232 1.41 -30.89 -15.80
CA GLU B 232 2.28 -31.57 -16.75
C GLU B 232 3.68 -30.97 -16.77
N VAL B 233 3.78 -29.65 -16.92
CA VAL B 233 5.08 -28.99 -17.01
C VAL B 233 5.61 -28.73 -15.61
N LYS B 234 4.91 -29.25 -14.61
CA LYS B 234 5.30 -29.14 -13.20
C LYS B 234 5.50 -27.68 -12.81
N ALA B 235 4.43 -26.91 -12.97
CA ALA B 235 4.40 -25.49 -12.64
C ALA B 235 3.34 -25.23 -11.60
N HIS B 236 3.52 -24.13 -10.87
CA HIS B 236 2.52 -23.66 -9.93
C HIS B 236 1.38 -23.00 -10.69
N LEU B 237 0.15 -23.35 -10.34
CA LEU B 237 -1.03 -22.64 -10.85
C LEU B 237 -1.44 -21.62 -9.81
N LEU B 238 -1.30 -20.34 -10.15
CA LEU B 238 -1.81 -19.24 -9.35
C LEU B 238 -2.99 -18.61 -10.08
N ALA B 239 -4.09 -18.42 -9.36
CA ALA B 239 -5.26 -17.75 -9.89
C ALA B 239 -5.33 -16.34 -9.34
N ASP B 240 -5.37 -15.36 -10.23
CA ASP B 240 -5.51 -13.95 -9.86
C ASP B 240 -6.95 -13.56 -10.14
N MET B 241 -7.81 -13.75 -9.14
CA MET B 241 -9.24 -13.54 -9.26
C MET B 241 -9.67 -12.13 -8.91
N ALA B 242 -8.74 -11.17 -8.89
CA ALA B 242 -9.01 -9.81 -8.48
C ALA B 242 -10.34 -9.29 -9.03
N HIS B 243 -10.51 -9.36 -10.35
CA HIS B 243 -11.72 -8.84 -10.97
C HIS B 243 -12.96 -9.61 -10.59
N ILE B 244 -12.85 -10.93 -10.40
CA ILE B 244 -14.01 -11.79 -10.22
C ILE B 244 -14.12 -12.30 -8.80
N SER B 245 -13.37 -11.73 -7.86
CA SER B 245 -13.31 -12.29 -6.50
C SER B 245 -14.69 -12.30 -5.85
N GLY B 246 -15.46 -11.23 -6.02
CA GLY B 246 -16.78 -11.18 -5.42
C GLY B 246 -17.71 -12.23 -5.98
N LEU B 247 -17.67 -12.45 -7.30
CA LEU B 247 -18.49 -13.48 -7.91
C LEU B 247 -18.11 -14.87 -7.40
N VAL B 248 -16.83 -15.09 -7.12
CA VAL B 248 -16.40 -16.37 -6.58
C VAL B 248 -16.88 -16.55 -5.14
N ALA B 249 -16.82 -15.47 -4.35
CA ALA B 249 -17.20 -15.58 -2.94
C ALA B 249 -18.68 -15.89 -2.80
N ALA B 250 -19.51 -15.33 -3.68
CA ALA B 250 -20.94 -15.58 -3.64
C ALA B 250 -21.31 -16.93 -4.23
N LYS B 251 -20.32 -17.75 -4.60
CA LYS B 251 -20.54 -19.03 -5.26
C LYS B 251 -21.47 -18.87 -6.46
N VAL B 252 -21.22 -17.81 -7.24
CA VAL B 252 -22.07 -17.46 -8.37
C VAL B 252 -21.38 -17.90 -9.65
N ILE B 253 -20.06 -17.95 -9.63
CA ILE B 253 -19.26 -18.48 -10.72
C ILE B 253 -18.40 -19.59 -10.14
N PRO B 254 -17.87 -20.48 -10.98
CA PRO B 254 -16.99 -21.53 -10.46
C PRO B 254 -15.79 -20.93 -9.74
N SER B 255 -15.37 -21.59 -8.68
CA SER B 255 -14.30 -21.05 -7.84
C SER B 255 -12.96 -21.59 -8.30
N PRO B 256 -11.93 -20.74 -8.41
CA PRO B 256 -10.61 -21.25 -8.79
C PRO B 256 -9.94 -22.08 -7.70
N PHE B 257 -10.42 -22.00 -6.45
CA PHE B 257 -9.78 -22.72 -5.36
C PHE B 257 -9.86 -24.24 -5.50
N LYS B 258 -10.63 -24.75 -6.47
CA LYS B 258 -10.71 -26.18 -6.69
C LYS B 258 -9.50 -26.75 -7.41
N HIS B 259 -8.78 -25.93 -8.17
CA HIS B 259 -7.63 -26.39 -8.94
C HIS B 259 -6.37 -25.57 -8.73
N ALA B 260 -6.45 -24.36 -8.18
CA ALA B 260 -5.28 -23.51 -8.05
C ALA B 260 -4.53 -23.81 -6.76
N ASP B 261 -3.20 -23.76 -6.83
CA ASP B 261 -2.39 -23.92 -5.64
C ASP B 261 -2.40 -22.65 -4.79
N ILE B 262 -2.27 -21.50 -5.43
CA ILE B 262 -2.26 -20.20 -4.78
C ILE B 262 -3.30 -19.33 -5.49
N VAL B 263 -3.97 -18.48 -4.71
CA VAL B 263 -4.94 -17.55 -5.27
C VAL B 263 -4.66 -16.16 -4.70
N THR B 264 -4.49 -15.18 -5.58
CA THR B 264 -4.35 -13.79 -5.20
C THR B 264 -5.56 -12.98 -5.66
N THR B 265 -5.84 -11.90 -4.94
CA THR B 265 -6.95 -11.04 -5.32
C THR B 265 -6.76 -9.65 -4.72
N THR B 266 -7.42 -8.68 -5.34
CA THR B 266 -7.64 -7.37 -4.74
C THR B 266 -8.91 -7.43 -3.90
N THR B 267 -8.97 -6.58 -2.89
CA THR B 267 -10.13 -6.54 -2.01
C THR B 267 -11.16 -5.53 -2.47
N HIS B 268 -10.85 -4.72 -3.48
CA HIS B 268 -11.83 -3.82 -4.05
C HIS B 268 -12.39 -4.53 -5.27
N LYS B 269 -12.75 -3.80 -6.32
CA LYS B 269 -13.34 -4.38 -7.53
C LYS B 269 -14.66 -5.03 -7.11
N THR B 270 -14.92 -6.30 -7.45
CA THR B 270 -16.19 -6.92 -7.11
C THR B 270 -16.34 -7.23 -5.62
N LEU B 271 -15.25 -7.22 -4.85
CA LEU B 271 -15.37 -7.44 -3.42
C LEU B 271 -15.85 -6.20 -2.69
N ARG B 272 -15.87 -5.04 -3.35
CA ARG B 272 -16.48 -3.82 -2.81
C ARG B 272 -15.86 -3.43 -1.47
N GLY B 273 -14.53 -3.49 -1.41
CA GLY B 273 -13.85 -3.17 -0.18
C GLY B 273 -12.81 -2.07 -0.33
N ALA B 274 -11.97 -1.90 0.69
CA ALA B 274 -10.87 -0.97 0.59
C ALA B 274 -9.81 -1.51 -0.37
N ARG B 275 -8.92 -0.62 -0.79
CA ARG B 275 -7.81 -1.02 -1.65
C ARG B 275 -6.81 -1.83 -0.83
N SER B 276 -6.72 -3.11 -1.13
CA SER B 276 -5.79 -4.02 -0.45
C SER B 276 -5.66 -5.27 -1.31
N GLY B 277 -4.88 -6.23 -0.82
CA GLY B 277 -4.67 -7.46 -1.55
C GLY B 277 -4.62 -8.64 -0.60
N LEU B 278 -4.90 -9.83 -1.15
CA LEU B 278 -4.90 -11.04 -0.38
C LEU B 278 -4.18 -12.13 -1.15
N ILE B 279 -3.50 -13.01 -0.42
CA ILE B 279 -2.85 -14.18 -1.00
C ILE B 279 -3.39 -15.40 -0.28
N PHE B 280 -4.19 -16.18 -0.98
CA PHE B 280 -4.65 -17.47 -0.49
C PHE B 280 -3.67 -18.53 -0.94
N TYR B 281 -3.28 -19.42 -0.03
CA TYR B 281 -2.33 -20.47 -0.33
C TYR B 281 -2.83 -21.78 0.26
N ARG B 282 -2.44 -22.88 -0.38
CA ARG B 282 -2.85 -24.18 0.13
C ARG B 282 -1.98 -24.55 1.33
N LYS B 283 -2.57 -25.32 2.24
CA LYS B 283 -1.93 -25.66 3.49
C LYS B 283 -2.16 -27.14 3.80
N GLY B 284 -1.23 -27.72 4.55
CA GLY B 284 -1.37 -29.09 5.02
C GLY B 284 -0.67 -30.13 4.17
N VAL B 285 -1.30 -31.29 4.02
CA VAL B 285 -0.68 -32.44 3.37
C VAL B 285 -0.96 -32.38 1.86
N LYS B 286 0.10 -32.55 1.08
CA LYS B 286 0.00 -32.54 -0.38
C LYS B 286 -0.34 -33.93 -0.91
N GLY B 293 5.81 -43.67 -1.37
CA GLY B 293 4.94 -43.81 -0.23
C GLY B 293 5.40 -43.03 1.00
N ARG B 294 4.99 -41.78 1.08
CA ARG B 294 5.32 -40.91 2.20
C ARG B 294 4.27 -39.81 2.27
N GLU B 295 4.42 -38.90 3.24
CA GLU B 295 3.51 -37.77 3.41
C GLU B 295 4.25 -36.49 3.09
N ILE B 296 3.96 -35.92 1.92
CA ILE B 296 4.58 -34.67 1.47
C ILE B 296 3.68 -33.52 1.91
N PRO B 297 4.16 -32.60 2.75
CA PRO B 297 3.31 -31.48 3.16
C PRO B 297 3.46 -30.28 2.24
N TYR B 298 2.42 -29.45 2.23
CA TYR B 298 2.47 -28.21 1.49
C TYR B 298 3.41 -27.23 2.18
N THR B 299 4.25 -26.56 1.38
CA THR B 299 5.27 -25.65 1.91
C THR B 299 5.07 -24.22 1.40
N PHE B 300 3.82 -23.81 1.19
CA PHE B 300 3.56 -22.47 0.68
C PHE B 300 3.56 -21.43 1.80
N GLU B 301 2.95 -21.77 2.94
CA GLU B 301 2.62 -20.80 3.98
C GLU B 301 3.84 -19.99 4.42
N ASP B 302 4.90 -20.68 4.85
CA ASP B 302 6.05 -19.98 5.39
C ASP B 302 6.69 -19.08 4.34
N ARG B 303 6.77 -19.57 3.09
CA ARG B 303 7.40 -18.79 2.04
C ARG B 303 6.58 -17.56 1.69
N ILE B 304 5.26 -17.73 1.54
CA ILE B 304 4.40 -16.60 1.21
C ILE B 304 4.48 -15.54 2.30
N ASN B 305 4.30 -15.95 3.55
CA ASN B 305 4.33 -15.00 4.66
C ASN B 305 5.66 -14.29 4.74
N PHE B 306 6.77 -15.01 4.54
CA PHE B 306 8.08 -14.38 4.60
C PHE B 306 8.28 -13.41 3.44
N ALA B 307 7.74 -13.74 2.26
CA ALA B 307 7.88 -12.84 1.12
C ALA B 307 7.17 -11.52 1.37
N VAL B 308 5.96 -11.59 1.93
CA VAL B 308 5.21 -10.37 2.22
C VAL B 308 5.96 -9.53 3.27
N PHE B 309 6.34 -10.18 4.38
CA PHE B 309 7.17 -9.54 5.41
C PHE B 309 8.11 -10.62 5.93
N PRO B 310 9.42 -10.33 6.05
CA PRO B 310 10.09 -9.02 5.86
C PRO B 310 10.64 -8.74 4.47
N SER B 311 10.41 -9.63 3.49
CA SER B 311 11.08 -9.49 2.21
C SER B 311 10.62 -8.24 1.46
N LEU B 312 9.31 -8.09 1.26
CA LEU B 312 8.81 -7.08 0.34
C LEU B 312 8.22 -5.86 1.06
N GLN B 313 7.37 -6.07 2.06
CA GLN B 313 6.66 -4.97 2.69
C GLN B 313 7.22 -4.72 4.09
N GLY B 314 6.83 -3.58 4.64
CA GLY B 314 7.16 -3.25 6.00
C GLY B 314 5.96 -3.47 6.90
N GLY B 315 5.51 -2.41 7.55
CA GLY B 315 4.38 -2.50 8.44
C GLY B 315 3.06 -2.66 7.71
N PRO B 316 2.21 -3.55 8.22
CA PRO B 316 0.88 -3.72 7.61
C PRO B 316 0.05 -2.46 7.78
N HIS B 317 -0.84 -2.24 6.82
CA HIS B 317 -1.82 -1.16 6.91
C HIS B 317 -3.03 -1.73 7.63
N ASN B 318 -3.02 -1.64 8.96
CA ASN B 318 -4.03 -2.30 9.76
C ASN B 318 -5.42 -1.72 9.52
N HIS B 319 -5.50 -0.45 9.14
CA HIS B 319 -6.78 0.14 8.78
C HIS B 319 -7.33 -0.50 7.50
N ALA B 320 -6.45 -0.75 6.53
CA ALA B 320 -6.89 -1.46 5.32
C ALA B 320 -7.31 -2.88 5.65
N ILE B 321 -6.53 -3.57 6.48
CA ILE B 321 -6.88 -4.93 6.88
C ILE B 321 -8.25 -4.95 7.55
N ALA B 322 -8.52 -3.98 8.44
CA ALA B 322 -9.80 -3.94 9.14
C ALA B 322 -10.93 -3.65 8.17
N ALA B 323 -10.76 -2.64 7.30
CA ALA B 323 -11.78 -2.33 6.31
C ALA B 323 -12.04 -3.53 5.41
N VAL B 324 -10.98 -4.27 5.06
CA VAL B 324 -11.14 -5.48 4.27
C VAL B 324 -11.97 -6.51 5.02
N ALA B 325 -11.69 -6.66 6.33
CA ALA B 325 -12.47 -7.59 7.14
C ALA B 325 -13.94 -7.23 7.13
N VAL B 326 -14.25 -5.94 7.18
CA VAL B 326 -15.63 -5.47 7.12
C VAL B 326 -16.28 -5.92 5.81
N ALA B 327 -15.57 -5.72 4.69
CA ALA B 327 -16.13 -6.07 3.40
C ALA B 327 -16.21 -7.58 3.22
N LEU B 328 -15.26 -8.32 3.79
CA LEU B 328 -15.31 -9.78 3.71
C LEU B 328 -16.51 -10.33 4.47
N LYS B 329 -16.83 -9.75 5.62
CA LYS B 329 -18.05 -10.14 6.34
C LYS B 329 -19.28 -9.87 5.48
N GLN B 330 -19.30 -8.74 4.78
CA GLN B 330 -20.42 -8.44 3.89
C GLN B 330 -20.51 -9.45 2.76
N ALA B 331 -19.39 -10.08 2.40
CA ALA B 331 -19.38 -11.05 1.32
C ALA B 331 -19.98 -12.39 1.71
N CYS B 332 -20.13 -12.65 3.01
CA CYS B 332 -20.79 -13.85 3.50
C CYS B 332 -22.30 -13.70 3.58
N THR B 333 -22.82 -12.49 3.36
CA THR B 333 -24.24 -12.23 3.52
C THR B 333 -25.05 -12.88 2.41
N PRO B 334 -26.32 -13.22 2.67
CA PRO B 334 -27.24 -13.50 1.57
C PRO B 334 -27.41 -12.29 0.66
N MET B 335 -27.25 -11.08 1.20
CA MET B 335 -27.32 -9.86 0.39
C MET B 335 -26.28 -9.87 -0.72
N PHE B 336 -25.06 -10.30 -0.41
CA PHE B 336 -23.97 -10.20 -1.38
C PHE B 336 -24.17 -11.16 -2.54
N ARG B 337 -24.72 -12.35 -2.28
CA ARG B 337 -25.02 -13.26 -3.38
C ARG B 337 -26.08 -12.67 -4.30
N GLU B 338 -27.11 -12.04 -3.72
CA GLU B 338 -28.09 -11.33 -4.54
C GLU B 338 -27.45 -10.15 -5.26
N TYR B 339 -26.49 -9.47 -4.61
CA TYR B 339 -25.76 -8.41 -5.29
C TYR B 339 -24.94 -8.97 -6.44
N SER B 340 -24.15 -10.01 -6.18
CA SER B 340 -23.28 -10.57 -7.21
C SER B 340 -24.10 -11.19 -8.34
N LEU B 341 -25.21 -11.85 -7.99
CA LEU B 341 -26.11 -12.37 -9.01
C LEU B 341 -26.67 -11.24 -9.86
N GLN B 342 -26.92 -10.08 -9.26
CA GLN B 342 -27.40 -8.94 -10.02
C GLN B 342 -26.37 -8.46 -11.03
N VAL B 343 -25.10 -8.35 -10.59
CA VAL B 343 -24.05 -7.83 -11.47
C VAL B 343 -23.94 -8.67 -12.73
N LEU B 344 -24.09 -9.99 -12.61
CA LEU B 344 -24.03 -10.85 -13.79
C LEU B 344 -25.13 -10.50 -14.78
N LYS B 345 -26.36 -10.38 -14.30
CA LYS B 345 -27.49 -10.14 -15.18
C LYS B 345 -27.48 -8.73 -15.75
N ASN B 346 -26.92 -7.76 -15.01
CA ASN B 346 -26.79 -6.42 -15.58
C ASN B 346 -25.68 -6.36 -16.60
N ALA B 347 -24.68 -7.25 -16.49
CA ALA B 347 -23.66 -7.36 -17.52
C ALA B 347 -24.19 -8.14 -18.71
N ARG B 348 -24.96 -9.20 -18.45
CA ARG B 348 -25.63 -9.92 -19.54
C ARG B 348 -26.66 -9.03 -20.22
N ALA B 349 -27.37 -8.20 -19.44
CA ALA B 349 -28.31 -7.26 -20.03
C ALA B 349 -27.58 -6.18 -20.82
N MET B 350 -26.45 -5.70 -20.29
CA MET B 350 -25.63 -4.75 -21.03
C MET B 350 -25.11 -5.37 -22.32
N ALA B 351 -24.67 -6.63 -22.26
CA ALA B 351 -24.19 -7.31 -23.45
C ALA B 351 -25.30 -7.49 -24.47
N ASP B 352 -26.44 -8.03 -24.04
CA ASP B 352 -27.58 -8.18 -24.93
C ASP B 352 -27.96 -6.85 -25.60
N ALA B 353 -28.09 -5.79 -24.79
CA ALA B 353 -28.44 -4.48 -25.33
C ALA B 353 -27.36 -4.00 -26.30
N LEU B 354 -26.10 -4.18 -25.92
CA LEU B 354 -25.02 -3.80 -26.82
C LEU B 354 -25.06 -4.61 -28.12
N LEU B 355 -25.28 -5.92 -28.06
CA LEU B 355 -25.36 -6.65 -29.32
C LEU B 355 -26.33 -5.98 -30.29
N GLU B 356 -27.42 -5.39 -29.78
CA GLU B 356 -28.38 -4.70 -30.64
C GLU B 356 -27.74 -3.45 -31.23
N ARG B 357 -28.48 -2.33 -31.20
CA ARG B 357 -27.99 -1.01 -31.61
C ARG B 357 -27.00 -1.04 -32.78
N GLY B 358 -25.84 -1.66 -32.60
CA GLY B 358 -24.87 -1.82 -33.67
C GLY B 358 -23.49 -2.26 -33.23
N TYR B 359 -23.37 -2.83 -32.04
CA TYR B 359 -22.07 -3.25 -31.50
C TYR B 359 -21.89 -4.75 -31.56
N SER B 360 -20.69 -5.17 -31.94
CA SER B 360 -20.21 -6.52 -31.70
C SER B 360 -19.32 -6.51 -30.45
N LEU B 361 -19.31 -7.61 -29.72
CA LEU B 361 -18.52 -7.69 -28.50
C LEU B 361 -17.62 -8.92 -28.53
N VAL B 362 -16.39 -8.73 -28.03
CA VAL B 362 -15.38 -9.77 -28.06
C VAL B 362 -15.82 -10.96 -27.21
N SER B 363 -15.54 -12.16 -27.72
CA SER B 363 -15.92 -13.48 -27.20
C SER B 363 -17.40 -13.78 -27.36
N GLY B 364 -18.19 -12.88 -27.95
CA GLY B 364 -19.55 -13.22 -28.33
C GLY B 364 -20.53 -13.32 -27.18
N GLY B 365 -20.01 -13.40 -25.96
CA GLY B 365 -20.89 -13.55 -24.82
C GLY B 365 -20.18 -13.43 -23.49
N THR B 366 -20.63 -12.45 -22.70
CA THR B 366 -20.10 -12.27 -21.35
C THR B 366 -20.66 -13.31 -20.41
N ASP B 367 -19.81 -13.80 -19.51
CA ASP B 367 -20.24 -14.66 -18.42
C ASP B 367 -19.84 -14.11 -17.06
N ASN B 368 -19.34 -12.88 -16.98
CA ASN B 368 -18.96 -12.30 -15.70
C ASN B 368 -19.50 -10.89 -15.54
N HIS B 369 -18.71 -10.00 -14.96
CA HIS B 369 -19.16 -8.68 -14.56
C HIS B 369 -18.92 -7.59 -15.60
N LEU B 370 -18.19 -7.89 -16.67
CA LEU B 370 -17.78 -6.88 -17.63
C LEU B 370 -18.06 -7.36 -19.05
N VAL B 371 -18.04 -6.42 -19.99
CA VAL B 371 -18.28 -6.73 -21.40
C VAL B 371 -17.15 -6.13 -22.21
N LEU B 372 -16.67 -6.89 -23.18
CA LEU B 372 -15.61 -6.42 -24.08
C LEU B 372 -16.27 -6.08 -25.40
N VAL B 373 -16.58 -4.81 -25.58
CA VAL B 373 -17.27 -4.33 -26.77
C VAL B 373 -16.24 -3.99 -27.84
N ASP B 374 -16.48 -4.45 -29.06
CA ASP B 374 -15.62 -4.19 -30.21
C ASP B 374 -16.21 -3.05 -31.02
N LEU B 375 -15.53 -1.91 -31.02
CA LEU B 375 -16.05 -0.71 -31.68
C LEU B 375 -15.52 -0.52 -33.09
N ARG B 376 -14.65 -1.41 -33.57
CA ARG B 376 -14.20 -1.32 -34.95
C ARG B 376 -15.35 -1.47 -35.95
N PRO B 377 -16.28 -2.44 -35.79
CA PRO B 377 -17.43 -2.48 -36.71
C PRO B 377 -18.44 -1.36 -36.45
N LYS B 378 -17.94 -0.15 -36.22
CA LYS B 378 -18.80 1.00 -35.99
C LYS B 378 -18.06 2.28 -36.35
N GLY B 379 -16.89 2.13 -37.00
CA GLY B 379 -16.13 3.26 -37.49
C GLY B 379 -15.52 4.16 -36.44
N LEU B 380 -15.59 3.79 -35.17
CA LEU B 380 -15.03 4.59 -34.09
C LEU B 380 -14.03 3.75 -33.31
N ASP B 381 -12.85 4.32 -33.05
CA ASP B 381 -11.83 3.65 -32.27
C ASP B 381 -12.17 3.69 -30.79
N GLY B 382 -11.63 2.72 -30.05
CA GLY B 382 -11.90 2.64 -28.62
C GLY B 382 -11.30 3.77 -27.82
N ALA B 383 -10.31 4.48 -28.37
CA ALA B 383 -9.69 5.59 -27.65
C ALA B 383 -10.58 6.83 -27.67
N ARG B 384 -11.05 7.24 -28.85
CA ARG B 384 -11.88 8.44 -28.95
C ARG B 384 -13.24 8.24 -28.31
N ALA B 385 -13.77 7.01 -28.36
CA ALA B 385 -15.06 6.75 -27.70
C ALA B 385 -14.95 6.95 -26.21
N GLU B 386 -13.82 6.54 -25.61
CA GLU B 386 -13.64 6.72 -24.17
C GLU B 386 -13.63 8.20 -23.81
N ARG B 387 -12.99 9.02 -24.63
CA ARG B 387 -12.92 10.44 -24.33
C ARG B 387 -14.29 11.11 -24.49
N VAL B 388 -15.02 10.76 -25.54
CA VAL B 388 -16.34 11.37 -25.74
C VAL B 388 -17.28 10.95 -24.62
N LEU B 389 -17.15 9.72 -24.13
CA LEU B 389 -18.01 9.29 -23.03
C LEU B 389 -17.63 9.97 -21.73
N GLU B 390 -16.35 10.34 -21.56
CA GLU B 390 -15.93 10.96 -20.31
C GLU B 390 -16.46 12.38 -20.19
N LEU B 391 -16.53 13.12 -21.31
CA LEU B 391 -17.07 14.47 -21.27
C LEU B 391 -18.57 14.48 -21.01
N VAL B 392 -19.24 13.35 -21.19
CA VAL B 392 -20.65 13.22 -20.88
C VAL B 392 -20.86 12.40 -19.62
N SER B 393 -19.82 12.26 -18.80
CA SER B 393 -19.88 11.66 -17.46
C SER B 393 -20.10 10.15 -17.48
N ILE B 394 -19.66 9.48 -18.54
CA ILE B 394 -19.57 8.02 -18.55
C ILE B 394 -18.10 7.66 -18.59
N THR B 395 -17.63 6.96 -17.57
CA THR B 395 -16.22 6.67 -17.39
C THR B 395 -15.97 5.21 -17.73
N ALA B 396 -15.26 4.97 -18.82
CA ALA B 396 -14.82 3.63 -19.20
C ALA B 396 -13.35 3.67 -19.59
N ASN B 397 -12.81 2.56 -20.09
CA ASN B 397 -11.43 2.54 -20.55
C ASN B 397 -11.34 1.88 -21.92
N LYS B 398 -10.54 2.49 -22.81
CA LYS B 398 -10.19 1.87 -24.07
C LYS B 398 -9.56 0.50 -23.83
N ASN B 399 -9.79 -0.42 -24.76
CA ASN B 399 -9.28 -1.77 -24.65
C ASN B 399 -8.92 -2.29 -26.03
N THR B 400 -7.87 -3.10 -26.10
CA THR B 400 -7.40 -3.66 -27.37
C THR B 400 -8.15 -4.95 -27.66
N CYS B 401 -8.77 -5.01 -28.82
CA CYS B 401 -9.47 -6.20 -29.28
C CYS B 401 -8.55 -7.05 -30.15
N PRO B 402 -8.82 -8.34 -30.27
CA PRO B 402 -8.00 -9.19 -31.15
C PRO B 402 -8.00 -8.65 -32.58
N GLY B 403 -6.80 -8.37 -33.09
CA GLY B 403 -6.64 -7.82 -34.42
C GLY B 403 -6.29 -6.35 -34.46
N ASP B 404 -6.37 -5.66 -33.32
CA ASP B 404 -6.01 -4.24 -33.26
C ASP B 404 -4.64 -3.99 -33.84
N ARG B 405 -4.58 -3.20 -34.91
CA ARG B 405 -3.33 -2.81 -35.54
C ARG B 405 -2.75 -1.54 -34.92
N SER B 406 -3.13 -1.22 -33.68
CA SER B 406 -2.77 0.08 -33.12
C SER B 406 -3.08 0.09 -31.62
N ALA B 407 -2.20 0.73 -30.85
CA ALA B 407 -2.41 0.97 -29.43
C ALA B 407 -2.73 2.41 -29.09
N ILE B 408 -2.29 3.37 -29.92
CA ILE B 408 -2.76 4.75 -29.80
C ILE B 408 -4.29 4.80 -29.87
N THR B 409 -4.88 3.97 -30.74
CA THR B 409 -6.32 3.91 -30.93
C THR B 409 -6.73 2.44 -30.89
N PRO B 410 -6.99 1.91 -29.70
CA PRO B 410 -7.53 0.54 -29.61
C PRO B 410 -8.93 0.47 -30.19
N GLY B 411 -9.41 -0.76 -30.38
CA GLY B 411 -10.66 -0.96 -31.07
C GLY B 411 -11.84 -1.34 -30.19
N GLY B 412 -11.72 -1.12 -28.88
CA GLY B 412 -12.78 -1.52 -27.99
C GLY B 412 -12.86 -0.67 -26.74
N LEU B 413 -13.84 -0.99 -25.90
CA LEU B 413 -14.01 -0.38 -24.60
C LEU B 413 -14.27 -1.48 -23.58
N ARG B 414 -13.80 -1.27 -22.36
CA ARG B 414 -14.13 -2.17 -21.25
C ARG B 414 -15.18 -1.50 -20.39
N LEU B 415 -16.32 -2.17 -20.25
CA LEU B 415 -17.44 -1.68 -19.45
C LEU B 415 -17.73 -2.67 -18.33
N GLY B 416 -17.97 -2.14 -17.15
CA GLY B 416 -18.18 -2.98 -15.98
C GLY B 416 -19.47 -2.63 -15.26
N ALA B 417 -20.14 -3.67 -14.78
CA ALA B 417 -21.38 -3.52 -14.03
C ALA B 417 -21.22 -3.30 -12.52
N PRO B 418 -20.20 -3.86 -11.84
CA PRO B 418 -20.22 -3.85 -10.36
C PRO B 418 -20.48 -2.50 -9.72
N ALA B 419 -19.94 -1.42 -10.27
CA ALA B 419 -20.05 -0.12 -9.61
C ALA B 419 -21.50 0.35 -9.59
N LEU B 420 -22.14 0.41 -10.77
CA LEU B 420 -23.52 0.87 -10.81
C LEU B 420 -24.48 -0.11 -10.15
N THR B 421 -24.15 -1.40 -10.17
CA THR B 421 -25.00 -2.38 -9.50
C THR B 421 -25.08 -2.12 -8.01
N SER B 422 -23.97 -1.66 -7.42
CA SER B 422 -23.98 -1.28 -6.01
C SER B 422 -24.86 -0.06 -5.76
N ARG B 423 -25.10 0.75 -6.79
CA ARG B 423 -26.06 1.85 -6.72
C ARG B 423 -27.49 1.40 -7.00
N GLN B 424 -27.74 0.11 -6.85
CA GLN B 424 -29.05 -0.51 -7.05
C GLN B 424 -29.55 -0.31 -8.48
N PHE B 425 -28.62 -0.29 -9.43
CA PHE B 425 -28.99 -0.40 -10.83
C PHE B 425 -29.49 -1.81 -11.14
N ARG B 426 -30.51 -1.91 -11.98
CA ARG B 426 -31.00 -3.20 -12.45
C ARG B 426 -31.01 -3.21 -13.97
N GLU B 427 -31.50 -4.32 -14.54
CA GLU B 427 -31.38 -4.55 -15.98
C GLU B 427 -31.99 -3.41 -16.79
N ASP B 428 -33.16 -2.93 -16.38
CA ASP B 428 -33.76 -1.80 -17.08
C ASP B 428 -32.89 -0.55 -16.95
N ASP B 429 -32.30 -0.34 -15.78
CA ASP B 429 -31.39 0.78 -15.62
C ASP B 429 -30.14 0.60 -16.48
N PHE B 430 -29.68 -0.65 -16.63
CA PHE B 430 -28.50 -0.94 -17.42
C PHE B 430 -28.76 -0.96 -18.93
N ARG B 431 -30.01 -1.13 -19.36
CA ARG B 431 -30.25 -0.99 -20.79
C ARG B 431 -30.28 0.47 -21.21
N ARG B 432 -30.60 1.38 -20.29
CA ARG B 432 -30.54 2.81 -20.60
C ARG B 432 -29.11 3.33 -20.70
N VAL B 433 -28.18 2.80 -19.91
CA VAL B 433 -26.79 3.24 -20.07
C VAL B 433 -26.27 2.89 -21.45
N VAL B 434 -26.70 1.75 -22.01
CA VAL B 434 -26.18 1.33 -23.30
C VAL B 434 -26.53 2.34 -24.39
N ASP B 435 -27.73 2.90 -24.34
CA ASP B 435 -28.09 3.91 -25.33
C ASP B 435 -27.70 5.32 -24.90
N PHE B 436 -27.42 5.54 -23.61
CA PHE B 436 -26.68 6.73 -23.23
C PHE B 436 -25.29 6.69 -23.83
N ILE B 437 -24.67 5.51 -23.81
CA ILE B 437 -23.40 5.30 -24.50
C ILE B 437 -23.59 5.48 -26.00
N ASP B 438 -24.71 4.99 -26.54
CA ASP B 438 -24.93 5.05 -27.98
C ASP B 438 -25.02 6.49 -28.46
N GLU B 439 -25.61 7.37 -27.65
CA GLU B 439 -25.57 8.77 -28.01
C GLU B 439 -24.14 9.29 -28.00
N GLY B 440 -23.33 8.81 -27.06
CA GLY B 440 -21.94 9.20 -27.01
C GLY B 440 -21.13 8.68 -28.18
N VAL B 441 -21.31 7.40 -28.53
CA VAL B 441 -20.57 6.88 -29.68
C VAL B 441 -20.98 7.62 -30.96
N ASN B 442 -22.28 7.88 -31.13
CA ASN B 442 -22.75 8.55 -32.33
C ASN B 442 -22.31 10.02 -32.37
N ILE B 443 -22.35 10.71 -31.22
CA ILE B 443 -21.90 12.09 -31.18
C ILE B 443 -20.40 12.18 -31.47
N GLY B 444 -19.63 11.19 -31.03
CA GLY B 444 -18.21 11.18 -31.31
C GLY B 444 -17.89 10.97 -32.78
N LEU B 445 -18.70 10.16 -33.47
CA LEU B 445 -18.49 9.94 -34.90
C LEU B 445 -18.65 11.23 -35.69
N GLU B 446 -19.55 12.11 -35.26
CA GLU B 446 -19.81 13.36 -35.97
C GLU B 446 -18.63 14.33 -35.90
N VAL B 447 -17.75 14.21 -34.91
CA VAL B 447 -16.69 15.22 -34.82
C VAL B 447 -15.43 14.71 -35.53
N LYS B 448 -15.21 13.40 -35.52
CA LYS B 448 -14.16 12.82 -36.35
C LYS B 448 -14.37 13.17 -37.82
N SER B 449 -15.61 13.36 -38.23
CA SER B 449 -15.90 14.05 -39.49
C SER B 449 -15.08 15.30 -39.75
N LYS B 450 -15.07 16.24 -38.80
CA LYS B 450 -14.49 17.56 -39.02
C LYS B 450 -13.05 17.67 -38.54
N THR B 451 -12.44 16.58 -38.08
CA THR B 451 -11.08 16.61 -37.58
C THR B 451 -10.29 15.44 -38.15
N ALA B 452 -8.98 15.50 -37.95
CA ALA B 452 -8.08 14.50 -38.52
C ALA B 452 -7.44 13.66 -37.44
N LYS B 453 -6.40 14.18 -36.81
CA LYS B 453 -5.69 13.45 -35.78
C LYS B 453 -6.52 13.39 -34.50
N LEU B 454 -5.98 12.69 -33.49
CA LEU B 454 -6.68 12.57 -32.22
C LEU B 454 -6.58 13.86 -31.40
N GLN B 455 -5.49 14.62 -31.55
CA GLN B 455 -5.38 15.90 -30.88
C GLN B 455 -6.45 16.87 -31.37
N ASP B 456 -6.64 16.95 -32.69
CA ASP B 456 -7.72 17.77 -33.25
C ASP B 456 -9.09 17.26 -32.82
N PHE B 457 -9.23 15.95 -32.63
CA PHE B 457 -10.48 15.38 -32.18
C PHE B 457 -10.91 15.97 -30.84
N LYS B 458 -10.08 15.78 -29.80
CA LYS B 458 -10.42 16.30 -28.49
C LYS B 458 -10.48 17.82 -28.48
N SER B 459 -9.64 18.49 -29.27
CA SER B 459 -9.65 19.94 -29.29
C SER B 459 -10.99 20.49 -29.78
N PHE B 460 -11.59 19.84 -30.77
CA PHE B 460 -12.89 20.28 -31.27
C PHE B 460 -14.00 20.05 -30.25
N LEU B 461 -13.80 19.14 -29.30
CA LEU B 461 -14.83 18.87 -28.30
C LEU B 461 -14.99 20.02 -27.30
N LEU B 462 -13.98 20.86 -27.14
CA LEU B 462 -14.03 21.94 -26.16
C LEU B 462 -14.13 23.34 -26.78
N LYS B 463 -13.80 23.50 -28.06
CA LYS B 463 -13.77 24.82 -28.68
C LYS B 463 -14.91 25.07 -29.66
N ASP B 464 -15.50 24.02 -30.24
CA ASP B 464 -16.61 24.20 -31.17
C ASP B 464 -17.91 24.33 -30.39
N SER B 465 -18.58 25.47 -30.55
CA SER B 465 -19.79 25.74 -29.77
C SER B 465 -20.94 24.80 -30.12
N GLU B 466 -20.90 24.18 -31.30
CA GLU B 466 -21.98 23.28 -31.69
C GLU B 466 -21.90 21.96 -30.92
N THR B 467 -20.69 21.46 -30.68
CA THR B 467 -20.57 20.19 -29.99
C THR B 467 -20.45 20.34 -28.48
N SER B 468 -19.87 21.45 -28.00
CA SER B 468 -19.82 21.67 -26.56
C SER B 468 -21.22 21.80 -25.98
N GLN B 469 -22.14 22.40 -26.72
CA GLN B 469 -23.55 22.42 -26.30
C GLN B 469 -24.18 21.06 -26.47
N ARG B 470 -23.89 20.38 -27.59
CA ARG B 470 -24.38 19.01 -27.77
C ARG B 470 -23.85 18.09 -26.70
N LEU B 471 -22.62 18.34 -26.21
CA LEU B 471 -22.09 17.56 -25.09
C LEU B 471 -22.81 17.90 -23.79
N ALA B 472 -22.99 19.20 -23.53
CA ALA B 472 -23.64 19.61 -22.29
C ALA B 472 -25.10 19.15 -22.24
N ASN B 473 -25.79 19.18 -23.39
CA ASN B 473 -27.18 18.75 -23.43
C ASN B 473 -27.32 17.30 -22.94
N LEU B 474 -26.48 16.41 -23.47
CA LEU B 474 -26.42 15.05 -22.92
C LEU B 474 -25.94 15.07 -21.49
N ARG B 475 -24.88 15.83 -21.20
CA ARG B 475 -24.23 15.80 -19.89
C ARG B 475 -25.21 16.05 -18.74
N GLN B 476 -26.27 16.83 -18.96
CA GLN B 476 -27.24 17.03 -17.89
C GLN B 476 -28.13 15.80 -17.71
N ARG B 477 -28.57 15.19 -18.81
CA ARG B 477 -29.45 14.04 -18.71
C ARG B 477 -28.70 12.83 -18.24
N VAL B 478 -27.38 12.82 -18.46
CA VAL B 478 -26.53 11.77 -17.89
C VAL B 478 -26.48 11.91 -16.37
N GLU B 479 -26.20 13.12 -15.89
CA GLU B 479 -26.06 13.34 -14.45
C GLU B 479 -27.41 13.28 -13.75
N GLN B 480 -28.45 13.83 -14.39
CA GLN B 480 -29.80 13.77 -13.82
C GLN B 480 -30.22 12.32 -13.59
N PHE B 481 -29.90 11.44 -14.52
CA PHE B 481 -30.30 10.03 -14.39
C PHE B 481 -29.51 9.31 -13.31
N ALA B 482 -28.20 9.58 -13.22
CA ALA B 482 -27.36 8.86 -12.27
C ALA B 482 -27.55 9.34 -10.83
N ARG B 483 -27.81 10.64 -10.64
CA ARG B 483 -27.91 11.19 -9.29
C ARG B 483 -29.03 10.53 -8.49
N ALA B 484 -30.08 10.07 -9.16
CA ALA B 484 -31.26 9.54 -8.48
C ALA B 484 -31.00 8.23 -7.75
N PHE B 485 -29.90 7.56 -8.02
CA PHE B 485 -29.68 6.26 -7.40
C PHE B 485 -28.93 6.41 -6.07
N PRO B 486 -29.15 5.49 -5.13
CA PRO B 486 -28.41 5.55 -3.87
C PRO B 486 -26.94 5.25 -4.08
N MET B 487 -26.11 5.72 -3.13
CA MET B 487 -24.66 5.63 -3.25
C MET B 487 -24.05 5.13 -1.95
N PRO B 488 -23.36 4.00 -1.95
CA PRO B 488 -22.66 3.56 -0.73
C PRO B 488 -21.64 4.57 -0.26
N GLY B 489 -21.36 4.52 1.03
CA GLY B 489 -20.38 5.39 1.65
C GLY B 489 -21.00 6.57 2.38
N PHE B 490 -20.16 7.56 2.65
CA PHE B 490 -20.62 8.77 3.30
C PHE B 490 -21.42 9.63 2.32
N ASP B 491 -22.14 10.60 2.87
CA ASP B 491 -22.96 11.47 2.03
C ASP B 491 -22.12 12.54 1.33
N GLU B 492 -21.12 13.08 2.02
CA GLU B 492 -20.41 14.26 1.56
C GLU B 492 -18.94 14.03 1.25
N HIS B 493 -18.39 12.85 1.54
CA HIS B 493 -16.99 12.56 1.25
C HIS B 493 -16.73 11.06 1.14
N1 PLG C . 12.63 3.30 5.79
C2 PLG C . 12.94 3.50 7.10
C2A PLG C . 14.15 4.32 7.44
C3 PLG C . 12.08 2.92 8.17
O3 PLG C . 12.38 3.12 9.48
C4 PLG C . 10.90 2.14 7.73
C4A PLG C . 9.95 1.49 8.73
C5 PLG C . 10.68 1.99 6.27
C6 PLG C . 11.57 2.58 5.38
C5A PLG C . 9.52 1.20 5.70
OP4 PLG C . 8.28 1.84 5.95
P PLG C . 6.94 0.97 5.91
OP1 PLG C . 7.01 0.15 7.17
OP2 PLG C . 5.84 1.99 5.89
OP3 PLG C . 7.05 0.17 4.64
C PLG C . 10.42 1.05 12.46
O PLG C . 11.46 1.75 12.53
OXT PLG C . 9.79 0.67 13.47
CA PLG C . 9.92 0.64 11.10
N PLG C . 10.58 1.36 10.03
C8 Y7L D . 13.73 -2.13 12.29
C8 Y7L D . 13.55 -2.27 12.26
N7 Y7L D . 12.38 -2.24 12.18
N7 Y7L D . 12.25 -2.69 12.25
C5 Y7L D . 12.81 -1.77 14.30
C5 Y7L D . 12.68 -2.02 14.31
C6 Y7L D . 11.82 -2.03 13.37
C6 Y7L D . 11.72 -2.55 13.46
N1 Y7L D . 15.35 -1.66 13.93
N1 Y7L D . 15.10 -1.36 13.76
C2 Y7L D . 16.31 -1.78 13.02
C2 Y7L D . 16.02 -1.31 12.80
N3 Y7L D . 16.06 -2.07 11.75
N3 Y7L D . 15.76 -1.72 11.57
C4 Y7L D . 14.81 -2.24 11.35
C4 Y7L D . 14.56 -2.19 11.26
C13 Y7L D . 15.12 -10.23 10.98
C13 Y7L D . 14.25 -11.08 10.25
C14 Y7L D . 13.85 -10.12 10.41
C14 Y7L D . 15.43 -10.33 10.28
C15 Y7L D . 13.16 -8.90 10.68
C15 Y7L D . 15.22 -8.91 10.43
C16 Y7L D . 13.90 -8.01 11.48
C16 Y7L D . 13.87 -8.53 10.51
C17 Y7L D . 16.05 -11.45 10.84
C17 Y7L D . 14.03 -12.60 10.10
C20 Y7L D . 16.14 -13.98 10.45
C20 Y7L D . 16.50 -13.39 10.47
C21 Y7L D . 16.77 -14.42 11.77
C21 Y7L D . 16.72 -13.01 11.94
C22 Y7L D . 15.84 -14.29 12.98
C22 Y7L D . 17.17 -14.18 12.81
C23 Y7L D . 16.09 -15.37 14.05
C23 Y7L D . 17.57 -13.73 14.21
C26 Y7L D . 15.18 -15.05 9.93
C26 Y7L D . 17.28 -14.66 10.12
C29 Y7L D . 11.64 -2.55 10.97
C29 Y7L D . 11.54 -3.22 11.10
C30 Y7L D . 11.70 -4.02 10.59
C30 Y7L D . 11.99 -4.64 10.79
C31 Y7L D . 11.49 -4.98 11.76
C31 Y7L D . 11.52 -5.68 11.81
C32 Y7L D . 12.00 -6.39 11.44
C32 Y7L D . 12.07 -7.09 11.56
C33 Y7L D . 13.43 -6.63 11.93
C33 Y7L D . 13.31 -7.11 10.67
C9 Y7L D . 14.05 -1.83 13.60
C9 Y7L D . 13.85 -1.83 13.53
N11 Y7L D . 17.69 -1.60 13.44
N11 Y7L D . 17.33 -0.80 13.12
N19 Y7L D . 15.41 -12.73 10.60
N19 Y7L D . 15.09 -13.62 10.20
O10 Y7L D . 14.57 -2.54 10.01
O10 Y7L D . 14.32 -2.61 9.95
O18 Y7L D . 17.23 -11.34 10.92
O18 Y7L D . 12.93 -12.99 9.89
O24 Y7L D . 15.70 -15.12 15.38
O24 Y7L D . 18.85 -13.20 14.43
O25 Y7L D . 16.89 -16.47 13.75
O25 Y7L D . 16.83 -14.18 15.32
O27 Y7L D . 14.19 -15.42 10.63
O27 Y7L D . 18.52 -14.62 9.93
O28 Y7L D . 15.36 -15.56 8.80
O28 Y7L D . 16.67 -15.76 10.00
S12 Y7L D . 15.37 -8.78 11.83
S12 Y7L D . 12.98 -9.96 10.39
N1 PLG E . -4.56 -8.36 -10.66
C2 PLG E . -5.57 -8.10 -11.53
C2A PLG E . -6.25 -9.23 -12.25
C3 PLG E . -6.00 -6.70 -11.76
O3 PLG E . -7.01 -6.41 -12.63
C4 PLG E . -5.30 -5.63 -11.02
C4A PLG E . -5.65 -4.18 -11.20
C5 PLG E . -4.20 -6.05 -10.11
C6 PLG E . -3.90 -7.41 -9.99
C5A PLG E . -3.43 -5.02 -9.33
OP4 PLG E . -4.23 -4.40 -8.32
P PLG E . -3.80 -2.96 -7.76
OP1 PLG E . -4.65 -2.75 -6.54
OP2 PLG E . -2.33 -3.13 -7.48
OP3 PLG E . -4.10 -2.03 -8.91
C PLG E . -7.97 -2.71 -13.76
O PLG E . -8.38 -3.82 -14.14
OXT PLG E . -8.51 -1.62 -14.08
CA PLG E . -6.76 -2.66 -12.85
N PLG E . -6.41 -4.00 -12.42
C8 Y7L F . -4.88 -2.80 -17.48
C8 Y7L F . -5.24 -2.98 -18.01
N7 Y7L F . -4.69 -1.56 -16.96
N7 Y7L F . -5.22 -1.93 -17.14
C5 Y7L F . -6.47 -1.44 -18.27
C5 Y7L F . -6.43 -1.29 -18.88
C6 Y7L F . -5.62 -0.75 -17.42
C6 Y7L F . -5.92 -0.93 -17.64
N1 Y7L F . -6.34 -3.93 -18.94
N1 Y7L F . -6.13 -3.55 -20.10
C2 Y7L F . -5.67 -5.05 -18.76
C2 Y7L F . -5.58 -4.75 -20.03
N3 Y7L F . -4.60 -5.13 -17.98
N3 Y7L F . -4.85 -5.12 -18.99
C4 Y7L F . -4.17 -4.05 -17.32
C4 Y7L F . -4.66 -4.29 -17.97
C13 Y7L F . 2.55 0.30 -21.54
C13 Y7L F . 1.99 0.58 -20.22
C14 Y7L F . 1.82 -0.90 -21.57
C14 Y7L F . 1.80 1.35 -19.06
C15 Y7L F . 0.94 -1.09 -20.45
C15 Y7L F . 0.69 0.96 -18.24
C16 Y7L F . 0.96 -0.03 -19.53
C16 Y7L F . -0.03 -0.12 -18.76
C17 Y7L F . 3.56 0.82 -22.58
C17 Y7L F . 3.08 0.74 -21.28
C20 Y7L F . 5.47 2.49 -23.06
C20 Y7L F . 4.40 2.38 -22.78
C21 Y7L F . 6.42 3.33 -22.19
C21 Y7L F . 5.79 2.37 -22.14
C22 Y7L F . 6.64 4.74 -22.74
C22 Y7L F . 6.38 3.78 -22.03
C23 Y7L F . 5.42 5.31 -23.46
C23 Y7L F . 6.76 4.36 -23.39
C26 Y7L F . 6.27 1.48 -23.88
C26 Y7L F . 4.35 1.41 -23.96
C29 Y7L F . -3.63 -1.16 -16.03
C29 Y7L F . -4.55 -1.89 -15.85
C30 Y7L F . -2.32 -0.93 -16.78
C30 Y7L F . -3.07 -1.53 -16.04
C31 Y7L F . -2.19 0.50 -17.30
C31 Y7L F . -2.87 -0.03 -16.27
C32 Y7L F . -1.28 0.56 -18.54
C32 Y7L F . -2.28 0.29 -17.65
C33 Y7L F . 0.14 0.08 -18.25
C33 Y7L F . -1.27 -0.77 -18.12
C9 Y7L F . -5.97 -2.78 -18.31
C9 Y7L F . -5.98 -2.63 -19.11
N11 Y7L F . -6.11 -6.25 -19.46
N11 Y7L F . -5.77 -5.67 -21.13
N19 Y7L F . 4.46 1.89 -22.19
N19 Y7L F . 3.38 2.08 -21.77
O10 Y7L F . -3.05 -4.15 -16.50
O10 Y7L F . -3.89 -4.71 -16.88
O18 Y7L F . 3.58 0.35 -23.66
O18 Y7L F . 3.68 -0.21 -21.66
O24 Y7L F . 5.36 5.23 -24.86
O24 Y7L F . 8.06 4.16 -23.89
O25 Y7L F . 4.53 6.14 -22.77
O25 Y7L F . 5.83 5.10 -24.13
O27 Y7L F . 6.33 1.59 -25.13
O27 Y7L F . 5.18 0.46 -24.02
O28 Y7L F . 6.88 0.54 -23.31
O28 Y7L F . 3.50 1.56 -24.86
S12 Y7L F . 2.07 1.10 -20.13
S12 Y7L F . 0.74 -0.57 -20.20
#